data_5QDD
#
_entry.id   5QDD
#
_cell.length_a   81.729
_cell.length_b   102.670
_cell.length_c   100.037
_cell.angle_alpha   90.00
_cell.angle_beta   104.28
_cell.angle_gamma   90.00
#
_symmetry.space_group_name_H-M   'P 1 21 1'
#
loop_
_entity.id
_entity.type
_entity.pdbx_description
1 polymer 'Beta-secretase 1'
2 non-polymer GLYCEROL
3 non-polymer (10R,12S)-12-[(1R)-1,2-dihydroxyethyl]-N,N,10-trimethyl-14-oxo-2-oxa-13-azabicyclo[13.3.1]nonadeca-1(19),15,17-triene-17-carboxamide
4 water water
#
_entity_poly.entity_id   1
_entity_poly.type   'polypeptide(L)'
_entity_poly.pdbx_seq_one_letter_code
;GPDEEPEEPGRRGSFVEMVDNLRGKSGQGYYVEMTVGSPPQTLNILVDTGSSNFAVGAAPHPFLHRYYQRQLSSTYRDLR
KGVYVPYTQGKWEGELGTDLVSIPHGPNVTVRANIAAITESDKFFINGSNWEGILGLAYAEIARPDDSLEPFFDSLVKQT
HVPNLFSLQLCGAGFPLNQSEVLASVGGSMIIGGIDHSLYTGSLWYTPIRREWYYEVIIVRVEINGQDLKMDCKEYNYDK
SIVDSGTTNLRLPKKVFEAAVKSIKAASSTEKFPDGFWLGEQLVCWQAGTTPWNIFPVISLYLMGEVTNQSFRITILPQQ
YLRPVEDVATSQDDCYKFAISQSSTGTVMGAVIMEGFYVVFDRARKRIGFAVSACHVHDEFRTAAVEGPFVTLDMEDCGY
NI
;
_entity_poly.pdbx_strand_id   A,B,C
#
loop_
_chem_comp.id
_chem_comp.type
_chem_comp.name
_chem_comp.formula
E7A non-polymer (10R,12S)-12-[(1R)-1,2-dihydroxyethyl]-N,N,10-trimethyl-14-oxo-2-oxa-13-azabicyclo[13.3.1]nonadeca-1(19),15,17-triene-17-carboxamide 'C23 H36 N2 O5'
GOL non-polymer GLYCEROL 'C3 H8 O3'
#
# COMPACT_ATOMS: atom_id res chain seq x y z
N SER A 14 -5.62 -37.47 1.98
CA SER A 14 -5.96 -37.80 0.59
C SER A 14 -5.43 -36.74 -0.35
N PHE A 15 -4.66 -35.80 0.20
CA PHE A 15 -4.25 -34.64 -0.56
C PHE A 15 -3.12 -34.92 -1.54
N VAL A 16 -2.42 -36.05 -1.40
CA VAL A 16 -1.27 -36.33 -2.27
C VAL A 16 -1.67 -36.32 -3.74
N GLU A 17 -2.91 -36.72 -4.05
CA GLU A 17 -3.38 -36.68 -5.44
C GLU A 17 -3.42 -35.27 -6.00
N MET A 18 -3.48 -34.24 -5.15
CA MET A 18 -3.57 -32.88 -5.64
C MET A 18 -2.22 -32.17 -5.65
N VAL A 19 -1.18 -32.78 -5.07
CA VAL A 19 0.12 -32.14 -5.12
C VAL A 19 0.57 -32.06 -6.58
N ASP A 20 1.14 -30.91 -6.96
CA ASP A 20 1.66 -30.69 -8.30
C ASP A 20 0.56 -30.69 -9.37
N ASN A 21 -0.67 -30.29 -9.01
CA ASN A 21 -1.75 -30.26 -9.99
C ASN A 21 -1.84 -28.93 -10.73
N LEU A 22 -0.91 -28.00 -10.51
CA LEU A 22 -0.86 -26.75 -11.24
C LEU A 22 0.33 -26.71 -12.16
N ARG A 23 0.13 -26.06 -13.32
CA ARG A 23 1.18 -25.75 -14.28
C ARG A 23 1.02 -24.30 -14.69
N GLY A 24 2.02 -23.78 -15.38
CA GLY A 24 1.95 -22.42 -15.88
C GLY A 24 3.17 -22.08 -16.70
N LYS A 25 3.09 -20.92 -17.36
CA LYS A 25 4.23 -20.24 -17.92
C LYS A 25 4.48 -18.96 -17.12
N SER A 26 5.76 -18.59 -16.94
CA SER A 26 6.10 -17.43 -16.14
C SER A 26 5.38 -16.18 -16.62
N GLY A 27 4.72 -15.49 -15.68
CA GLY A 27 3.99 -14.27 -15.98
C GLY A 27 2.68 -14.46 -16.70
N GLN A 28 2.27 -15.71 -16.93
CA GLN A 28 1.06 -16.00 -17.70
C GLN A 28 -0.02 -16.73 -16.91
N GLY A 29 0.16 -16.92 -15.60
CA GLY A 29 -0.84 -17.48 -14.71
C GLY A 29 -0.61 -18.97 -14.46
N TYR A 30 -1.21 -19.47 -13.38
CA TYR A 30 -1.20 -20.89 -13.02
C TYR A 30 -2.56 -21.50 -13.33
N TYR A 31 -2.56 -22.70 -13.89
CA TYR A 31 -3.81 -23.34 -14.27
C TYR A 31 -3.88 -24.77 -13.75
N VAL A 32 -5.12 -25.22 -13.59
CA VAL A 32 -5.44 -26.55 -13.13
C VAL A 32 -6.30 -27.21 -14.19
N GLU A 33 -6.17 -28.54 -14.33
CA GLU A 33 -6.98 -29.24 -15.31
C GLU A 33 -8.38 -29.49 -14.76
N MET A 34 -9.40 -29.22 -15.58
CA MET A 34 -10.79 -29.47 -15.21
C MET A 34 -11.51 -30.13 -16.39
N THR A 35 -12.66 -30.74 -16.10
CA THR A 35 -13.56 -31.20 -17.16
C THR A 35 -14.95 -30.59 -16.94
N VAL A 36 -15.62 -30.25 -18.04
CA VAL A 36 -16.98 -29.74 -17.99
C VAL A 36 -17.83 -30.56 -18.94
N GLY A 37 -19.11 -30.75 -18.57
CA GLY A 37 -20.07 -31.34 -19.48
C GLY A 37 -20.08 -32.86 -19.48
N SER A 38 -21.09 -33.42 -20.16
CA SER A 38 -21.23 -34.86 -20.34
C SER A 38 -21.37 -35.17 -21.82
N PRO A 39 -20.44 -35.89 -22.44
CA PRO A 39 -19.21 -36.47 -21.87
C PRO A 39 -18.17 -35.40 -21.50
N PRO A 40 -17.27 -35.72 -20.57
CA PRO A 40 -16.36 -34.69 -20.04
C PRO A 40 -15.48 -34.08 -21.13
N GLN A 41 -15.49 -32.75 -21.21
CA GLN A 41 -14.56 -32.01 -22.05
C GLN A 41 -13.46 -31.42 -21.18
N THR A 42 -12.21 -31.72 -21.53
CA THR A 42 -11.05 -31.34 -20.73
C THR A 42 -10.61 -29.94 -21.11
N LEU A 43 -10.38 -29.08 -20.10
CA LEU A 43 -9.90 -27.73 -20.30
C LEU A 43 -8.94 -27.35 -19.17
N ASN A 44 -7.94 -26.52 -19.49
CA ASN A 44 -7.03 -25.96 -18.50
C ASN A 44 -7.55 -24.62 -18.04
N ILE A 45 -7.64 -24.43 -16.73
CA ILE A 45 -8.39 -23.32 -16.13
C ILE A 45 -7.47 -22.50 -15.23
N LEU A 46 -7.34 -21.22 -15.54
CA LEU A 46 -6.51 -20.33 -14.74
C LEU A 46 -7.08 -20.17 -13.33
N VAL A 47 -6.22 -20.29 -12.32
CA VAL A 47 -6.65 -20.20 -10.91
C VAL A 47 -6.51 -18.75 -10.47
N ASP A 48 -7.65 -18.09 -10.19
CA ASP A 48 -7.69 -16.64 -9.94
C ASP A 48 -8.38 -16.33 -8.61
N THR A 49 -7.60 -16.04 -7.56
CA THR A 49 -8.22 -15.58 -6.33
C THR A 49 -8.66 -14.12 -6.38
N GLY A 50 -8.43 -13.41 -7.49
CA GLY A 50 -8.85 -12.03 -7.64
C GLY A 50 -10.19 -11.82 -8.32
N SER A 51 -10.97 -12.87 -8.56
CA SER A 51 -12.28 -12.74 -9.17
C SER A 51 -13.14 -13.93 -8.73
N SER A 52 -14.39 -13.95 -9.20
CA SER A 52 -15.37 -14.88 -8.65
C SER A 52 -16.24 -15.55 -9.69
N ASN A 53 -15.91 -15.45 -10.98
CA ASN A 53 -16.66 -16.11 -12.03
C ASN A 53 -15.88 -17.29 -12.59
N PHE A 54 -16.59 -18.38 -12.85
CA PHE A 54 -16.06 -19.51 -13.60
C PHE A 54 -16.47 -19.33 -15.06
N ALA A 55 -15.48 -19.27 -15.95
CA ALA A 55 -15.76 -18.98 -17.36
C ALA A 55 -14.76 -19.73 -18.21
N VAL A 56 -15.21 -20.14 -19.40
CA VAL A 56 -14.37 -20.90 -20.32
C VAL A 56 -14.58 -20.38 -21.73
N GLY A 57 -13.51 -20.35 -22.52
CA GLY A 57 -13.66 -20.11 -23.95
C GLY A 57 -14.67 -21.07 -24.54
N ALA A 58 -15.63 -20.56 -25.33
CA ALA A 58 -16.69 -21.39 -25.89
C ALA A 58 -16.92 -21.09 -27.36
N ALA A 59 -15.95 -20.47 -28.02
CA ALA A 59 -16.00 -20.11 -29.43
C ALA A 59 -14.57 -19.95 -29.92
N PRO A 60 -14.32 -20.11 -31.22
CA PRO A 60 -12.94 -20.06 -31.71
C PRO A 60 -12.25 -18.75 -31.37
N HIS A 61 -10.94 -18.84 -31.17
CA HIS A 61 -10.13 -17.67 -30.85
C HIS A 61 -8.71 -17.99 -31.27
N PRO A 62 -7.97 -17.03 -31.83
CA PRO A 62 -6.61 -17.35 -32.30
C PRO A 62 -5.71 -17.98 -31.25
N PHE A 63 -5.94 -17.67 -29.98
CA PHE A 63 -5.07 -18.14 -28.90
C PHE A 63 -5.60 -19.38 -28.20
N LEU A 64 -6.79 -19.87 -28.56
CA LEU A 64 -7.37 -21.06 -27.94
C LEU A 64 -7.09 -22.29 -28.79
N HIS A 65 -6.51 -23.31 -28.17
CA HIS A 65 -6.32 -24.59 -28.83
C HIS A 65 -7.53 -25.51 -28.68
N ARG A 66 -8.43 -25.22 -27.75
CA ARG A 66 -9.68 -25.95 -27.60
C ARG A 66 -10.65 -25.04 -26.85
N TYR A 67 -11.92 -25.42 -26.87
CA TYR A 67 -12.92 -24.61 -26.17
C TYR A 67 -14.13 -25.46 -25.83
N TYR A 68 -14.96 -24.92 -24.96
CA TYR A 68 -16.18 -25.56 -24.50
C TYR A 68 -17.19 -25.58 -25.64
N GLN A 69 -17.73 -26.75 -25.92
CA GLN A 69 -18.73 -26.90 -26.97
C GLN A 69 -20.03 -27.33 -26.31
N ARG A 70 -20.91 -26.35 -26.07
CA ARG A 70 -22.12 -26.61 -25.31
C ARG A 70 -23.01 -27.62 -26.01
N GLN A 71 -23.01 -27.62 -27.34
CA GLN A 71 -23.87 -28.50 -28.13
C GLN A 71 -23.55 -29.97 -27.91
N LEU A 72 -22.31 -30.28 -27.52
CA LEU A 72 -21.87 -31.66 -27.33
C LEU A 72 -22.07 -32.17 -25.91
N SER A 73 -22.59 -31.35 -25.00
CA SER A 73 -22.79 -31.77 -23.61
C SER A 73 -24.27 -31.99 -23.36
N SER A 74 -24.62 -33.18 -22.89
CA SER A 74 -26.01 -33.49 -22.64
C SER A 74 -26.51 -32.92 -21.34
N THR A 75 -25.60 -32.48 -20.46
CA THR A 75 -25.97 -31.93 -19.15
C THR A 75 -25.97 -30.41 -19.13
N TYR A 76 -25.59 -29.76 -20.23
CA TYR A 76 -25.63 -28.30 -20.30
C TYR A 76 -27.06 -27.78 -20.17
N ARG A 77 -27.23 -26.73 -19.38
CA ARG A 77 -28.49 -26.00 -19.32
C ARG A 77 -28.21 -24.53 -19.58
N ASP A 78 -29.01 -23.92 -20.46
CA ASP A 78 -28.87 -22.51 -20.75
C ASP A 78 -29.57 -21.69 -19.68
N LEU A 79 -28.90 -20.68 -19.15
CA LEU A 79 -29.55 -19.78 -18.20
C LEU A 79 -30.20 -18.58 -18.88
N ARG A 80 -30.00 -18.42 -20.18
CA ARG A 80 -30.66 -17.37 -20.97
C ARG A 80 -30.38 -15.98 -20.41
N LYS A 81 -29.16 -15.76 -19.96
CA LYS A 81 -28.73 -14.46 -19.47
C LYS A 81 -27.29 -14.24 -19.93
N GLY A 82 -26.97 -13.00 -20.35
CA GLY A 82 -25.61 -12.64 -20.69
C GLY A 82 -24.81 -12.18 -19.48
N VAL A 83 -23.50 -12.05 -19.67
CA VAL A 83 -22.61 -11.61 -18.60
C VAL A 83 -21.35 -11.03 -19.23
N TYR A 84 -20.78 -10.02 -18.58
CA TYR A 84 -19.45 -9.56 -18.91
C TYR A 84 -18.66 -9.43 -17.62
N VAL A 85 -17.36 -9.72 -17.67
CA VAL A 85 -16.48 -9.55 -16.52
C VAL A 85 -15.28 -8.71 -16.93
N PRO A 86 -15.08 -7.54 -16.33
CA PRO A 86 -13.87 -6.76 -16.63
C PRO A 86 -12.81 -7.03 -15.58
N TYR A 87 -11.57 -7.15 -15.99
CA TYR A 87 -10.46 -7.34 -15.07
C TYR A 87 -9.56 -6.12 -15.18
N THR A 88 -8.52 -6.07 -14.35
CA THR A 88 -7.53 -5.00 -14.50
C THR A 88 -6.88 -5.08 -15.87
N GLN A 89 -6.53 -6.28 -16.30
CA GLN A 89 -6.03 -6.53 -17.64
C GLN A 89 -7.03 -7.46 -18.34
N GLY A 90 -7.77 -6.93 -19.30
CA GLY A 90 -8.58 -7.78 -20.13
C GLY A 90 -10.03 -7.86 -19.66
N LYS A 91 -10.88 -8.32 -20.56
CA LYS A 91 -12.30 -8.45 -20.27
C LYS A 91 -12.88 -9.45 -21.25
N TRP A 92 -14.03 -10.02 -20.88
CA TRP A 92 -14.74 -10.89 -21.82
C TRP A 92 -16.23 -10.76 -21.60
N GLU A 93 -17.00 -11.19 -22.59
CA GLU A 93 -18.44 -11.31 -22.44
C GLU A 93 -18.86 -12.69 -22.93
N GLY A 94 -20.01 -13.14 -22.42
CA GLY A 94 -20.46 -14.48 -22.76
C GLY A 94 -21.87 -14.73 -22.31
N GLU A 95 -22.24 -16.01 -22.37
CA GLU A 95 -23.58 -16.50 -22.08
C GLU A 95 -23.55 -17.40 -20.85
N LEU A 96 -24.45 -17.14 -19.89
CA LEU A 96 -24.48 -17.95 -18.67
C LEU A 96 -25.23 -19.26 -18.89
N GLY A 97 -24.77 -20.30 -18.20
CA GLY A 97 -25.40 -21.60 -18.18
C GLY A 97 -24.88 -22.37 -16.98
N THR A 98 -25.32 -23.63 -16.85
CA THR A 98 -24.77 -24.54 -15.86
C THR A 98 -24.39 -25.85 -16.54
N ASP A 99 -23.48 -26.59 -15.91
CA ASP A 99 -23.08 -27.90 -16.40
C ASP A 99 -22.36 -28.61 -15.27
N LEU A 100 -22.10 -29.90 -15.49
CA LEU A 100 -21.38 -30.71 -14.52
C LEU A 100 -19.88 -30.48 -14.71
N VAL A 101 -19.15 -30.42 -13.59
CA VAL A 101 -17.75 -30.03 -13.58
C VAL A 101 -16.99 -30.95 -12.62
N SER A 102 -15.79 -31.38 -13.03
CA SER A 102 -14.90 -32.16 -12.17
C SER A 102 -13.48 -31.63 -12.27
N ILE A 103 -12.67 -32.03 -11.30
CA ILE A 103 -11.25 -31.68 -11.25
C ILE A 103 -10.46 -32.99 -11.17
N PRO A 104 -9.91 -33.47 -12.30
CA PRO A 104 -9.24 -34.78 -12.30
C PRO A 104 -8.19 -34.96 -11.20
N HIS A 105 -7.33 -33.99 -10.99
CA HIS A 105 -6.38 -34.06 -9.88
C HIS A 105 -6.83 -33.20 -8.71
N GLY A 106 -8.10 -33.40 -8.35
CA GLY A 106 -8.72 -32.77 -7.22
C GLY A 106 -9.53 -33.78 -6.45
N PRO A 107 -10.49 -33.32 -5.65
CA PRO A 107 -11.39 -34.26 -4.97
C PRO A 107 -12.22 -35.02 -5.99
N ASN A 108 -12.58 -36.25 -5.62
CA ASN A 108 -13.33 -37.11 -6.54
C ASN A 108 -14.82 -36.82 -6.41
N VAL A 109 -15.21 -35.67 -6.94
CA VAL A 109 -16.60 -35.23 -6.91
C VAL A 109 -16.96 -34.62 -8.25
N THR A 110 -18.27 -34.46 -8.47
CA THR A 110 -18.82 -33.78 -9.62
C THR A 110 -19.87 -32.80 -9.10
N VAL A 111 -19.81 -31.55 -9.56
CA VAL A 111 -20.73 -30.52 -9.10
C VAL A 111 -21.39 -29.88 -10.30
N ARG A 112 -22.64 -29.44 -10.12
CA ARG A 112 -23.28 -28.60 -11.12
C ARG A 112 -22.96 -27.15 -10.78
N ALA A 113 -22.27 -26.47 -11.68
CA ALA A 113 -21.78 -25.14 -11.41
C ALA A 113 -22.22 -24.17 -12.50
N ASN A 114 -22.36 -22.91 -12.12
CA ASN A 114 -22.52 -21.84 -13.10
C ASN A 114 -21.29 -21.75 -14.00
N ILE A 115 -21.52 -21.59 -15.29
CA ILE A 115 -20.43 -21.43 -16.25
C ILE A 115 -20.78 -20.32 -17.22
N ALA A 116 -19.85 -19.37 -17.37
CA ALA A 116 -19.98 -18.37 -18.42
C ALA A 116 -19.26 -18.89 -19.66
N ALA A 117 -20.00 -19.04 -20.74
CA ALA A 117 -19.44 -19.48 -22.02
C ALA A 117 -18.93 -18.25 -22.75
N ILE A 118 -17.60 -18.11 -22.84
CA ILE A 118 -17.01 -16.90 -23.39
C ILE A 118 -17.14 -16.90 -24.91
N THR A 119 -17.86 -15.89 -25.43
CA THR A 119 -18.06 -15.73 -26.86
C THR A 119 -17.31 -14.55 -27.46
N GLU A 120 -16.90 -13.60 -26.64
CA GLU A 120 -16.12 -12.47 -27.12
C GLU A 120 -15.19 -12.01 -26.02
N SER A 121 -14.01 -11.53 -26.39
CA SER A 121 -13.03 -11.17 -25.37
C SER A 121 -12.05 -10.15 -25.93
N ASP A 122 -11.36 -9.48 -25.02
CA ASP A 122 -10.42 -8.42 -25.37
C ASP A 122 -9.25 -8.48 -24.39
N LYS A 123 -8.07 -8.81 -24.90
CA LYS A 123 -6.83 -8.86 -24.11
C LYS A 123 -6.99 -9.76 -22.89
N PHE A 124 -7.80 -10.81 -23.01
CA PHE A 124 -7.99 -11.77 -21.93
C PHE A 124 -7.14 -13.02 -22.13
N PHE A 125 -7.39 -13.76 -23.22
CA PHE A 125 -6.59 -14.94 -23.52
C PHE A 125 -5.18 -14.55 -23.94
N ILE A 126 -4.22 -15.40 -23.58
CA ILE A 126 -2.81 -15.12 -23.77
C ILE A 126 -2.23 -16.14 -24.74
N ASN A 127 -1.55 -15.65 -25.76
CA ASN A 127 -0.98 -16.53 -26.77
C ASN A 127 0.05 -17.45 -26.14
N GLY A 128 -0.20 -18.76 -26.23
CA GLY A 128 0.70 -19.76 -25.71
C GLY A 128 0.61 -20.05 -24.24
N SER A 129 -0.41 -19.54 -23.55
CA SER A 129 -0.47 -19.72 -22.09
C SER A 129 -0.83 -21.14 -21.70
N ASN A 130 -1.56 -21.85 -22.57
CA ASN A 130 -2.06 -23.22 -22.43
C ASN A 130 -3.29 -23.30 -21.53
N TRP A 131 -3.95 -22.19 -21.20
CA TRP A 131 -5.22 -22.29 -20.49
C TRP A 131 -6.32 -21.67 -21.32
N GLU A 132 -7.54 -22.14 -21.09
CA GLU A 132 -8.68 -21.78 -21.92
C GLU A 132 -9.85 -21.21 -21.12
N GLY A 133 -9.69 -21.02 -19.81
CA GLY A 133 -10.79 -20.55 -18.98
C GLY A 133 -10.23 -20.06 -17.67
N ILE A 134 -11.12 -19.60 -16.80
CA ILE A 134 -10.72 -18.97 -15.55
C ILE A 134 -11.61 -19.48 -14.42
N LEU A 135 -11.00 -19.77 -13.29
CA LEU A 135 -11.71 -20.18 -12.08
C LEU A 135 -11.58 -19.05 -11.06
N GLY A 136 -12.63 -18.24 -10.94
CA GLY A 136 -12.65 -17.20 -9.93
C GLY A 136 -12.96 -17.77 -8.57
N LEU A 137 -11.99 -17.71 -7.64
CA LEU A 137 -12.14 -18.32 -6.32
C LEU A 137 -12.55 -17.34 -5.22
N ALA A 138 -12.74 -16.06 -5.55
CA ALA A 138 -13.15 -15.08 -4.53
C ALA A 138 -14.66 -15.19 -4.31
N TYR A 139 -15.22 -14.22 -3.57
CA TYR A 139 -16.56 -14.40 -3.03
C TYR A 139 -17.64 -13.83 -3.94
N ALA A 140 -18.87 -14.25 -3.68
CA ALA A 140 -20.02 -13.90 -4.52
C ALA A 140 -20.21 -12.39 -4.61
N GLU A 141 -19.80 -11.64 -3.58
CA GLU A 141 -20.02 -10.21 -3.57
C GLU A 141 -19.46 -9.51 -4.80
N ILE A 142 -18.40 -10.06 -5.41
CA ILE A 142 -17.84 -9.47 -6.63
C ILE A 142 -18.11 -10.33 -7.86
N ALA A 143 -19.02 -11.30 -7.78
CA ALA A 143 -19.39 -12.06 -8.97
C ALA A 143 -20.20 -11.19 -9.93
N ARG A 144 -20.05 -11.46 -11.23
CA ARG A 144 -20.88 -10.80 -12.24
C ARG A 144 -21.93 -11.76 -12.80
N PRO A 145 -23.13 -11.29 -13.17
CA PRO A 145 -23.58 -9.88 -13.18
C PRO A 145 -23.89 -9.30 -11.80
N ASP A 146 -24.15 -10.16 -10.82
CA ASP A 146 -24.36 -9.70 -9.45
C ASP A 146 -24.09 -10.89 -8.51
N ASP A 147 -24.24 -10.63 -7.21
CA ASP A 147 -23.85 -11.63 -6.22
C ASP A 147 -24.82 -12.80 -6.14
N SER A 148 -25.87 -12.83 -6.97
CA SER A 148 -26.71 -14.02 -6.99
C SER A 148 -26.13 -15.16 -7.83
N LEU A 149 -25.10 -14.90 -8.63
CA LEU A 149 -24.47 -15.97 -9.40
C LEU A 149 -23.46 -16.67 -8.50
N GLU A 150 -23.83 -17.84 -8.02
CA GLU A 150 -23.03 -18.59 -7.06
C GLU A 150 -21.67 -18.97 -7.65
N PRO A 151 -20.57 -18.61 -7.01
CA PRO A 151 -19.25 -18.99 -7.52
C PRO A 151 -19.00 -20.49 -7.41
N PHE A 152 -18.01 -20.97 -8.17
CA PHE A 152 -17.73 -22.40 -8.24
C PHE A 152 -17.45 -22.99 -6.86
N PHE A 153 -16.58 -22.36 -6.08
CA PHE A 153 -16.18 -23.00 -4.82
C PHE A 153 -17.35 -23.07 -3.86
N ASP A 154 -18.23 -22.08 -3.88
CA ASP A 154 -19.47 -22.13 -3.10
C ASP A 154 -20.32 -23.33 -3.51
N SER A 155 -20.48 -23.55 -4.81
CA SER A 155 -21.21 -24.72 -5.30
C SER A 155 -20.55 -26.02 -4.84
N LEU A 156 -19.22 -26.08 -4.95
CA LEU A 156 -18.48 -27.28 -4.54
C LEU A 156 -18.75 -27.61 -3.08
N VAL A 157 -18.67 -26.61 -2.21
CA VAL A 157 -18.85 -26.84 -0.78
C VAL A 157 -20.30 -27.19 -0.46
N LYS A 158 -21.26 -26.52 -1.13
CA LYS A 158 -22.67 -26.80 -0.85
C LYS A 158 -23.06 -28.21 -1.26
N GLN A 159 -22.56 -28.69 -2.42
CA GLN A 159 -23.01 -29.95 -3.01
C GLN A 159 -22.21 -31.17 -2.56
N THR A 160 -21.05 -31.00 -1.94
CA THR A 160 -20.21 -32.12 -1.53
C THR A 160 -19.80 -31.96 -0.07
N HIS A 161 -18.93 -32.86 0.42
CA HIS A 161 -18.41 -32.75 1.78
C HIS A 161 -17.04 -32.08 1.83
N VAL A 162 -16.59 -31.50 0.73
CA VAL A 162 -15.31 -30.78 0.71
C VAL A 162 -15.34 -29.65 1.72
N PRO A 163 -14.41 -29.60 2.67
CA PRO A 163 -14.35 -28.49 3.63
C PRO A 163 -14.09 -27.16 2.94
N ASN A 164 -14.55 -26.08 3.60
CA ASN A 164 -14.60 -24.75 3.00
C ASN A 164 -13.25 -24.06 3.17
N LEU A 165 -12.25 -24.59 2.46
CA LEU A 165 -10.95 -23.95 2.41
C LEU A 165 -10.14 -24.60 1.29
N PHE A 166 -9.16 -23.86 0.78
CA PHE A 166 -8.23 -24.39 -0.19
C PHE A 166 -6.89 -23.73 0.07
N SER A 167 -5.83 -24.32 -0.43
CA SER A 167 -4.53 -23.68 -0.27
C SER A 167 -3.80 -23.71 -1.60
N LEU A 168 -2.93 -22.70 -1.79
CA LEU A 168 -2.18 -22.55 -3.03
C LEU A 168 -0.69 -22.53 -2.70
N GLN A 169 0.05 -23.42 -3.36
CA GLN A 169 1.51 -23.44 -3.31
C GLN A 169 1.98 -23.14 -4.73
N LEU A 170 2.34 -21.90 -5.00
CA LEU A 170 2.81 -21.50 -6.31
C LEU A 170 4.32 -21.54 -6.32
N CYS A 171 4.90 -22.25 -7.27
CA CYS A 171 6.35 -22.38 -7.31
C CYS A 171 6.91 -21.63 -8.53
N GLY A 172 8.00 -20.89 -8.32
CA GLY A 172 8.58 -20.08 -9.37
C GLY A 172 9.41 -20.86 -10.37
N SER A 185 6.85 -24.07 -17.65
CA SER A 185 8.06 -23.64 -16.96
C SER A 185 7.85 -23.49 -15.43
N VAL A 186 6.60 -23.25 -14.98
CA VAL A 186 6.32 -23.17 -13.56
C VAL A 186 5.25 -24.20 -13.19
N GLY A 187 5.18 -24.50 -11.89
CA GLY A 187 4.23 -25.47 -11.35
C GLY A 187 3.80 -25.12 -9.94
N GLY A 188 2.96 -25.97 -9.36
CA GLY A 188 2.51 -25.73 -8.00
C GLY A 188 1.39 -26.69 -7.61
N SER A 189 0.74 -26.38 -6.49
CA SER A 189 -0.33 -27.22 -5.97
C SER A 189 -1.52 -26.37 -5.53
N MET A 190 -2.72 -26.80 -5.89
CA MET A 190 -3.94 -26.30 -5.29
C MET A 190 -4.56 -27.43 -4.50
N ILE A 191 -4.49 -27.35 -3.17
CA ILE A 191 -5.06 -28.37 -2.29
C ILE A 191 -6.49 -27.94 -1.98
N ILE A 192 -7.45 -28.68 -2.51
CA ILE A 192 -8.85 -28.32 -2.40
C ILE A 192 -9.44 -29.05 -1.20
N GLY A 193 -9.90 -28.29 -0.21
CA GLY A 193 -10.50 -28.88 0.96
C GLY A 193 -9.59 -29.08 2.14
N GLY A 194 -8.35 -28.60 2.09
CA GLY A 194 -7.50 -28.76 3.25
C GLY A 194 -6.10 -28.22 3.07
N ILE A 195 -5.23 -28.69 3.97
CA ILE A 195 -3.86 -28.24 4.11
C ILE A 195 -3.01 -29.50 4.03
N ASP A 196 -1.99 -29.46 3.17
CA ASP A 196 -1.07 -30.59 3.04
C ASP A 196 0.20 -30.18 3.77
N HIS A 197 0.44 -30.76 4.94
CA HIS A 197 1.51 -30.30 5.80
C HIS A 197 2.89 -30.64 5.24
N SER A 198 2.96 -31.58 4.31
CA SER A 198 4.24 -31.88 3.69
C SER A 198 4.69 -30.79 2.72
N LEU A 199 3.84 -29.80 2.41
CA LEU A 199 4.19 -28.76 1.44
C LEU A 199 4.78 -27.49 2.06
N TYR A 200 4.92 -27.42 3.39
CA TYR A 200 5.51 -26.22 3.98
C TYR A 200 6.33 -26.59 5.21
N THR A 201 7.18 -25.67 5.64
CA THR A 201 7.96 -25.82 6.86
C THR A 201 7.67 -24.69 7.83
N GLY A 202 7.98 -24.93 9.11
CA GLY A 202 7.72 -23.92 10.11
C GLY A 202 6.22 -23.81 10.37
N SER A 203 5.83 -22.67 10.94
CA SER A 203 4.45 -22.48 11.34
C SER A 203 3.65 -21.68 10.31
N LEU A 204 2.35 -21.96 10.26
CA LEU A 204 1.43 -21.10 9.51
C LEU A 204 1.08 -19.90 10.37
N TRP A 205 1.10 -18.71 9.75
CA TRP A 205 0.72 -17.46 10.38
C TRP A 205 -0.53 -16.93 9.68
N TYR A 206 -1.56 -16.58 10.45
CA TYR A 206 -2.85 -16.21 9.86
C TYR A 206 -3.17 -14.73 9.99
N THR A 207 -3.76 -14.18 8.92
CA THR A 207 -4.25 -12.80 8.94
C THR A 207 -5.76 -12.81 8.64
N PRO A 208 -6.55 -11.95 9.29
CA PRO A 208 -7.99 -12.00 9.06
C PRO A 208 -8.35 -11.59 7.64
N ILE A 209 -9.35 -12.26 7.08
CA ILE A 209 -9.98 -11.75 5.87
C ILE A 209 -10.88 -10.61 6.31
N ARG A 210 -10.53 -9.38 5.88
CA ARG A 210 -11.22 -8.20 6.43
C ARG A 210 -12.69 -8.18 6.01
N ARG A 211 -12.97 -8.58 4.79
CA ARG A 211 -14.33 -8.54 4.23
C ARG A 211 -14.36 -9.58 3.13
N GLU A 212 -15.47 -10.31 3.03
CA GLU A 212 -15.58 -11.40 2.05
C GLU A 212 -16.05 -10.84 0.71
N TRP A 213 -15.10 -10.34 -0.07
CA TRP A 213 -15.41 -9.97 -1.45
C TRP A 213 -14.21 -10.37 -2.30
N TYR A 214 -13.21 -9.50 -2.46
CA TYR A 214 -11.86 -10.00 -2.70
C TYR A 214 -11.37 -10.72 -1.45
N TYR A 215 -10.20 -11.35 -1.55
CA TYR A 215 -9.52 -11.81 -0.34
C TYR A 215 -8.76 -10.59 0.20
N GLU A 216 -9.49 -9.77 0.97
CA GLU A 216 -8.97 -8.51 1.48
C GLU A 216 -8.24 -8.72 2.80
N VAL A 217 -7.05 -8.12 2.94
CA VAL A 217 -6.24 -8.19 4.15
C VAL A 217 -5.79 -6.79 4.52
N ILE A 218 -5.15 -6.67 5.69
CA ILE A 218 -4.64 -5.38 6.17
C ILE A 218 -3.13 -5.51 6.42
N ILE A 219 -2.35 -4.70 5.70
CA ILE A 219 -0.90 -4.57 5.92
C ILE A 219 -0.67 -3.48 6.96
N VAL A 220 0.09 -3.80 8.01
CA VAL A 220 0.24 -2.86 9.13
C VAL A 220 1.60 -2.21 9.18
N ARG A 221 2.58 -2.68 8.38
CA ARG A 221 3.92 -2.12 8.44
C ARG A 221 4.70 -2.63 7.23
N VAL A 222 5.60 -1.81 6.73
CA VAL A 222 6.47 -2.22 5.63
C VAL A 222 7.90 -1.82 5.94
N GLU A 223 8.82 -2.76 5.79
CA GLU A 223 10.25 -2.53 5.98
C GLU A 223 11.00 -2.95 4.72
N ILE A 224 12.05 -2.20 4.40
CA ILE A 224 12.94 -2.53 3.29
C ILE A 224 14.36 -2.62 3.87
N ASN A 225 14.98 -3.78 3.71
CA ASN A 225 16.27 -4.07 4.37
C ASN A 225 16.23 -3.71 5.86
N GLY A 226 15.10 -3.98 6.51
CA GLY A 226 15.05 -3.77 7.95
C GLY A 226 14.74 -2.35 8.37
N GLN A 227 14.51 -1.44 7.43
CA GLN A 227 14.22 -0.04 7.72
C GLN A 227 12.75 0.21 7.43
N ASP A 228 12.04 0.72 8.43
CA ASP A 228 10.62 1.01 8.29
C ASP A 228 10.40 2.10 7.25
N LEU A 229 9.39 1.91 6.39
CA LEU A 229 9.08 2.96 5.43
C LEU A 229 8.47 4.18 6.11
N LYS A 230 7.95 4.00 7.32
CA LYS A 230 7.47 5.10 8.16
C LYS A 230 6.40 5.94 7.46
N MET A 231 5.51 5.27 6.73
CA MET A 231 4.30 5.92 6.22
C MET A 231 3.13 5.60 7.15
N ASP A 232 2.14 6.48 7.15
CA ASP A 232 0.86 6.14 7.78
C ASP A 232 0.37 4.83 7.18
N CYS A 233 0.11 3.85 8.04
CA CYS A 233 -0.17 2.50 7.54
C CYS A 233 -1.45 2.44 6.71
N LYS A 234 -2.34 3.43 6.84
CA LYS A 234 -3.48 3.51 5.93
C LYS A 234 -3.06 3.57 4.47
N GLU A 235 -1.90 4.17 4.19
CA GLU A 235 -1.44 4.27 2.81
C GLU A 235 -1.22 2.90 2.18
N TYR A 236 -0.81 1.92 3.00
CA TYR A 236 -0.52 0.57 2.50
C TYR A 236 -1.78 -0.12 2.00
N ASN A 237 -2.95 0.27 2.52
CA ASN A 237 -4.22 -0.37 2.21
C ASN A 237 -5.18 0.61 1.54
N TYR A 238 -4.64 1.59 0.83
CA TYR A 238 -5.45 2.57 0.13
C TYR A 238 -5.63 2.10 -1.31
N ASP A 239 -6.84 1.70 -1.70
CA ASP A 239 -8.07 1.73 -0.91
C ASP A 239 -8.46 0.32 -0.41
N LYS A 240 -7.65 -0.67 -0.77
CA LYS A 240 -7.77 -2.02 -0.22
C LYS A 240 -6.44 -2.72 -0.44
N SER A 241 -6.26 -3.86 0.22
CA SER A 241 -5.14 -4.76 -0.07
C SER A 241 -5.72 -6.16 -0.26
N ILE A 242 -5.30 -6.86 -1.31
CA ILE A 242 -5.88 -8.16 -1.62
C ILE A 242 -4.77 -9.14 -1.99
N VAL A 243 -5.10 -10.44 -1.89
CA VAL A 243 -4.21 -11.52 -2.34
C VAL A 243 -4.77 -12.05 -3.65
N ASP A 244 -3.98 -11.98 -4.71
CA ASP A 244 -4.50 -12.26 -6.06
C ASP A 244 -3.54 -13.16 -6.85
N SER A 245 -3.86 -14.46 -6.91
CA SER A 245 -3.04 -15.40 -7.68
C SER A 245 -3.08 -15.12 -9.17
N GLY A 246 -4.04 -14.34 -9.64
CA GLY A 246 -4.16 -14.02 -11.06
C GLY A 246 -3.48 -12.74 -11.49
N THR A 247 -2.73 -12.08 -10.61
CA THR A 247 -1.91 -10.93 -10.95
C THR A 247 -0.45 -11.34 -10.76
N THR A 248 0.42 -10.94 -11.69
CA THR A 248 1.83 -11.34 -11.58
C THR A 248 2.53 -10.56 -10.47
N ASN A 249 2.41 -9.22 -10.48
CA ASN A 249 3.30 -8.36 -9.72
C ASN A 249 2.84 -8.18 -8.28
N LEU A 250 3.76 -7.69 -7.46
CA LEU A 250 3.40 -6.91 -6.27
C LEU A 250 3.01 -5.52 -6.75
N ARG A 251 1.74 -5.15 -6.60
CA ARG A 251 1.28 -3.83 -6.99
C ARG A 251 1.03 -3.01 -5.73
N LEU A 252 1.51 -1.77 -5.72
CA LEU A 252 1.47 -0.89 -4.56
C LEU A 252 0.81 0.43 -4.92
N PRO A 253 0.04 1.02 -4.00
CA PRO A 253 -0.53 2.36 -4.25
C PRO A 253 0.57 3.36 -4.55
N LYS A 254 0.22 4.37 -5.36
CA LYS A 254 1.22 5.30 -5.92
C LYS A 254 2.21 5.77 -4.87
N LYS A 255 1.70 6.32 -3.76
CA LYS A 255 2.57 6.87 -2.75
C LYS A 255 3.50 5.82 -2.15
N VAL A 256 2.99 4.60 -1.93
CA VAL A 256 3.82 3.53 -1.39
C VAL A 256 4.82 3.05 -2.44
N PHE A 257 4.37 2.93 -3.69
CA PHE A 257 5.26 2.54 -4.78
C PHE A 257 6.45 3.49 -4.91
N GLU A 258 6.21 4.79 -4.83
CA GLU A 258 7.29 5.77 -4.98
C GLU A 258 8.30 5.64 -3.84
N ALA A 259 7.82 5.52 -2.60
CA ALA A 259 8.72 5.34 -1.47
C ALA A 259 9.53 4.06 -1.60
N ALA A 260 8.89 2.97 -2.02
CA ALA A 260 9.60 1.70 -2.15
C ALA A 260 10.64 1.76 -3.24
N VAL A 261 10.28 2.30 -4.41
CA VAL A 261 11.25 2.41 -5.51
C VAL A 261 12.42 3.28 -5.09
N LYS A 262 12.13 4.42 -4.46
CA LYS A 262 13.19 5.28 -3.98
C LYS A 262 14.15 4.52 -3.08
N SER A 263 13.60 3.69 -2.19
CA SER A 263 14.43 2.93 -1.27
C SER A 263 15.21 1.83 -1.99
N ILE A 264 14.56 1.18 -2.97
CA ILE A 264 15.23 0.11 -3.71
C ILE A 264 16.32 0.69 -4.62
N LYS A 265 16.03 1.84 -5.25
CA LYS A 265 17.06 2.52 -6.03
C LYS A 265 18.28 2.81 -5.16
N ALA A 266 18.04 3.36 -3.97
CA ALA A 266 19.13 3.72 -3.08
C ALA A 266 19.99 2.51 -2.72
N ALA A 267 19.35 1.36 -2.47
CA ALA A 267 20.10 0.20 -2.03
C ALA A 267 20.96 -0.39 -3.15
N SER A 268 20.53 -0.22 -4.40
CA SER A 268 21.20 -0.81 -5.56
C SER A 268 21.99 0.21 -6.38
N SER A 269 22.26 1.39 -5.81
CA SER A 269 22.89 2.47 -6.59
C SER A 269 24.32 2.15 -7.03
N THR A 270 24.90 1.03 -6.58
CA THR A 270 26.13 0.52 -7.17
C THR A 270 26.03 0.44 -8.69
N GLU A 271 24.96 -0.14 -9.19
CA GLU A 271 24.68 -0.23 -10.60
C GLU A 271 23.57 0.75 -10.98
N LYS A 272 23.54 1.15 -12.24
CA LYS A 272 22.51 2.05 -12.73
C LYS A 272 21.68 1.34 -13.77
N PHE A 273 20.40 1.66 -13.80
CA PHE A 273 19.43 0.96 -14.62
C PHE A 273 18.65 1.96 -15.45
N PRO A 274 18.22 1.57 -16.65
CA PRO A 274 17.35 2.44 -17.44
C PRO A 274 16.15 2.88 -16.61
N ASP A 275 15.71 4.13 -16.84
CA ASP A 275 14.57 4.65 -16.07
C ASP A 275 13.31 3.84 -16.36
N GLY A 276 13.23 3.22 -17.54
CA GLY A 276 12.12 2.35 -17.86
C GLY A 276 12.19 0.99 -17.17
N PHE A 277 13.34 0.62 -16.60
CA PHE A 277 13.40 -0.63 -15.83
C PHE A 277 12.47 -0.55 -14.63
N TRP A 278 12.55 0.56 -13.88
CA TRP A 278 11.74 0.75 -12.69
C TRP A 278 10.26 0.91 -12.98
N LEU A 279 9.89 1.10 -14.24
CA LEU A 279 8.49 1.17 -14.64
C LEU A 279 8.00 -0.14 -15.25
N GLY A 280 8.85 -1.16 -15.31
CA GLY A 280 8.48 -2.45 -15.84
C GLY A 280 8.54 -2.58 -17.36
N GLU A 281 9.05 -1.57 -18.06
CA GLU A 281 9.09 -1.60 -19.52
C GLU A 281 10.34 -2.29 -20.06
N GLN A 282 11.52 -1.86 -19.61
CA GLN A 282 12.78 -2.41 -20.06
C GLN A 282 13.26 -3.49 -19.11
N LEU A 283 13.78 -4.58 -19.67
CA LEU A 283 14.43 -5.57 -18.84
C LEU A 283 15.90 -5.20 -18.64
N VAL A 284 16.54 -5.86 -17.69
CA VAL A 284 17.95 -5.68 -17.40
C VAL A 284 18.60 -7.06 -17.41
N CYS A 285 19.83 -7.14 -17.91
CA CYS A 285 20.50 -8.41 -18.05
C CYS A 285 21.90 -8.35 -17.47
N TRP A 286 22.38 -9.51 -17.03
CA TRP A 286 23.74 -9.68 -16.55
C TRP A 286 24.26 -11.00 -17.11
N GLN A 287 25.58 -11.11 -17.20
CA GLN A 287 26.21 -12.35 -17.64
C GLN A 287 25.72 -13.52 -16.80
N ALA A 288 25.25 -14.57 -17.49
CA ALA A 288 24.65 -15.73 -16.85
C ALA A 288 25.41 -16.17 -15.62
N GLY A 289 24.70 -16.23 -14.48
CA GLY A 289 25.29 -16.61 -13.22
C GLY A 289 25.98 -15.50 -12.45
N THR A 290 25.83 -14.24 -12.85
CA THR A 290 26.47 -13.12 -12.17
C THR A 290 25.46 -12.09 -11.67
N THR A 291 24.18 -12.43 -11.60
CA THR A 291 23.19 -11.47 -11.12
C THR A 291 23.59 -10.97 -9.73
N PRO A 292 23.66 -9.65 -9.52
CA PRO A 292 24.09 -9.08 -8.23
C PRO A 292 22.95 -9.03 -7.21
N TRP A 293 22.45 -10.20 -6.81
CA TRP A 293 21.32 -10.28 -5.89
C TRP A 293 21.53 -9.43 -4.64
N ASN A 294 22.76 -9.38 -4.13
CA ASN A 294 23.05 -8.75 -2.85
C ASN A 294 22.78 -7.24 -2.86
N ILE A 295 22.73 -6.59 -4.02
CA ILE A 295 22.50 -5.15 -4.01
C ILE A 295 21.01 -4.79 -4.00
N PHE A 296 20.13 -5.79 -4.12
CA PHE A 296 18.70 -5.54 -4.02
C PHE A 296 18.17 -5.91 -2.64
N PRO A 297 17.33 -5.07 -2.04
CA PRO A 297 16.93 -5.30 -0.65
C PRO A 297 15.84 -6.35 -0.52
N VAL A 298 15.70 -6.87 0.70
CA VAL A 298 14.53 -7.67 1.04
C VAL A 298 13.41 -6.71 1.47
N ILE A 299 12.17 -7.11 1.21
CA ILE A 299 10.97 -6.37 1.57
C ILE A 299 10.17 -7.21 2.55
N SER A 300 9.82 -6.63 3.69
CA SER A 300 9.00 -7.29 4.70
C SER A 300 7.63 -6.61 4.75
N LEU A 301 6.57 -7.38 4.54
CA LEU A 301 5.20 -6.93 4.73
C LEU A 301 4.67 -7.52 6.02
N TYR A 302 4.27 -6.66 6.96
CA TYR A 302 3.64 -7.07 8.20
C TYR A 302 2.14 -7.07 8.02
N LEU A 303 1.51 -8.18 8.37
CA LEU A 303 0.07 -8.35 8.25
C LEU A 303 -0.57 -8.43 9.62
N MET A 304 -1.80 -7.90 9.71
CA MET A 304 -2.57 -8.00 10.93
C MET A 304 -2.68 -9.47 11.35
N GLY A 305 -2.50 -9.73 12.64
CA GLY A 305 -2.56 -11.07 13.20
C GLY A 305 -3.93 -11.43 13.76
N GLU A 306 -3.97 -12.60 14.42
CA GLU A 306 -5.19 -13.14 15.02
C GLU A 306 -5.50 -12.66 16.45
N VAL A 307 -4.54 -12.15 17.21
CA VAL A 307 -4.82 -11.69 18.57
C VAL A 307 -4.52 -10.19 18.66
N THR A 308 -4.98 -9.59 19.77
CA THR A 308 -4.94 -8.13 19.93
C THR A 308 -3.50 -7.63 19.85
N ASN A 309 -3.28 -6.58 19.06
CA ASN A 309 -1.98 -5.91 18.98
C ASN A 309 -0.88 -6.85 18.47
N GLN A 310 -1.26 -7.87 17.69
CA GLN A 310 -0.28 -8.84 17.21
C GLN A 310 -0.29 -8.90 15.68
N SER A 311 0.91 -8.91 15.09
CA SER A 311 1.13 -9.03 13.66
C SER A 311 2.16 -10.13 13.37
N PHE A 312 2.43 -10.35 12.10
CA PHE A 312 3.55 -11.20 11.67
C PHE A 312 4.06 -10.62 10.37
N ARG A 313 5.23 -11.08 9.93
CA ARG A 313 5.76 -10.55 8.68
C ARG A 313 6.09 -11.66 7.72
N ILE A 314 5.92 -11.36 6.44
CA ILE A 314 6.45 -12.18 5.37
C ILE A 314 7.57 -11.37 4.71
N THR A 315 8.70 -12.02 4.45
CA THR A 315 9.86 -11.35 3.87
C THR A 315 10.08 -11.87 2.46
N ILE A 316 10.20 -10.94 1.51
CA ILE A 316 10.30 -11.23 0.09
C ILE A 316 11.72 -10.92 -0.35
N LEU A 317 12.34 -11.85 -1.12
CA LEU A 317 13.69 -11.67 -1.62
C LEU A 317 13.67 -11.06 -3.02
N PRO A 318 14.79 -10.48 -3.47
CA PRO A 318 14.84 -9.96 -4.85
C PRO A 318 14.57 -11.02 -5.90
N GLN A 319 14.88 -12.29 -5.63
CA GLN A 319 14.57 -13.34 -6.59
C GLN A 319 13.08 -13.48 -6.84
N GLN A 320 12.24 -12.92 -5.97
CA GLN A 320 10.82 -12.91 -6.26
C GLN A 320 10.39 -11.70 -7.07
N TYR A 321 10.87 -10.50 -6.75
CA TYR A 321 10.37 -9.33 -7.45
C TYR A 321 11.22 -8.91 -8.64
N LEU A 322 12.32 -9.62 -8.92
CA LEU A 322 13.00 -9.51 -10.22
C LEU A 322 12.63 -10.77 -10.99
N ARG A 323 11.68 -10.63 -11.89
CA ARG A 323 11.09 -11.80 -12.56
C ARG A 323 11.92 -12.18 -13.78
N PRO A 324 12.36 -13.43 -13.88
CA PRO A 324 13.24 -13.80 -15.00
C PRO A 324 12.46 -13.86 -16.30
N VAL A 325 13.09 -13.40 -17.38
CA VAL A 325 12.42 -13.38 -18.68
C VAL A 325 13.34 -13.93 -19.77
N ASP A 333 22.65 -14.76 -21.34
CA ASP A 333 22.59 -13.98 -20.10
C ASP A 333 21.35 -14.28 -19.28
N ASP A 334 21.29 -13.68 -18.09
CA ASP A 334 20.11 -13.72 -17.24
C ASP A 334 19.43 -12.36 -17.31
N CYS A 335 18.17 -12.33 -17.71
CA CYS A 335 17.42 -11.09 -17.88
C CYS A 335 16.18 -11.09 -16.99
N TYR A 336 15.82 -9.89 -16.50
CA TYR A 336 14.78 -9.77 -15.49
C TYR A 336 13.93 -8.52 -15.74
N LYS A 337 12.64 -8.63 -15.44
CA LYS A 337 11.73 -7.49 -15.33
C LYS A 337 11.50 -7.15 -13.85
N PHE A 338 11.39 -5.85 -13.56
CA PHE A 338 11.02 -5.38 -12.23
C PHE A 338 9.54 -5.68 -11.99
N ALA A 339 9.22 -6.55 -11.03
CA ALA A 339 7.85 -7.02 -10.87
C ALA A 339 7.15 -6.36 -9.69
N ILE A 340 7.52 -5.13 -9.39
CA ILE A 340 6.78 -4.26 -8.48
C ILE A 340 6.27 -3.09 -9.31
N SER A 341 4.98 -2.82 -9.24
CA SER A 341 4.43 -1.78 -10.10
C SER A 341 3.37 -1.00 -9.34
N GLN A 342 2.95 0.10 -9.95
CA GLN A 342 2.03 1.06 -9.34
C GLN A 342 0.59 0.65 -9.56
N SER A 343 -0.25 0.96 -8.57
CA SER A 343 -1.67 0.66 -8.63
C SER A 343 -2.46 1.88 -8.16
N SER A 344 -3.65 2.04 -8.71
CA SER A 344 -4.62 3.03 -8.23
C SER A 344 -5.84 2.37 -7.61
N THR A 345 -5.81 1.04 -7.42
CA THR A 345 -6.90 0.30 -6.79
C THR A 345 -6.43 -0.47 -5.56
N GLY A 346 -5.34 -0.05 -4.94
CA GLY A 346 -4.84 -0.66 -3.71
C GLY A 346 -3.69 -1.62 -3.95
N THR A 347 -3.21 -2.21 -2.85
CA THR A 347 -2.14 -3.20 -2.91
C THR A 347 -2.67 -4.51 -3.49
N VAL A 348 -1.88 -5.13 -4.35
CA VAL A 348 -2.18 -6.47 -4.85
C VAL A 348 -0.97 -7.35 -4.54
N MET A 349 -1.16 -8.34 -3.67
CA MET A 349 -0.12 -9.33 -3.42
C MET A 349 -0.31 -10.41 -4.48
N GLY A 350 0.39 -10.24 -5.60
CA GLY A 350 0.27 -11.15 -6.73
C GLY A 350 1.17 -12.36 -6.63
N ALA A 351 1.34 -13.02 -7.78
CA ALA A 351 2.01 -14.32 -7.81
C ALA A 351 3.44 -14.24 -7.30
N VAL A 352 4.16 -13.14 -7.59
CA VAL A 352 5.54 -13.10 -7.14
C VAL A 352 5.67 -12.98 -5.62
N ILE A 353 4.62 -12.50 -4.94
CA ILE A 353 4.59 -12.57 -3.48
C ILE A 353 4.23 -13.98 -3.00
N MET A 354 3.22 -14.58 -3.64
CA MET A 354 2.74 -15.90 -3.21
C MET A 354 3.77 -16.99 -3.48
N GLU A 355 4.58 -16.86 -4.53
CA GLU A 355 5.58 -17.86 -4.86
C GLU A 355 6.56 -18.02 -3.71
N GLY A 356 6.89 -19.26 -3.38
CA GLY A 356 7.73 -19.53 -2.23
C GLY A 356 7.00 -19.62 -0.90
N PHE A 357 5.71 -19.27 -0.84
CA PHE A 357 4.93 -19.43 0.38
C PHE A 357 3.79 -20.40 0.11
N TYR A 358 3.39 -21.09 1.17
CA TYR A 358 2.20 -21.91 1.17
C TYR A 358 1.07 -21.04 1.72
N VAL A 359 0.02 -20.82 0.92
CA VAL A 359 -0.99 -19.82 1.28
C VAL A 359 -2.33 -20.53 1.46
N VAL A 360 -2.90 -20.42 2.65
CA VAL A 360 -4.13 -21.14 3.00
C VAL A 360 -5.28 -20.14 2.95
N PHE A 361 -6.25 -20.37 2.07
CA PHE A 361 -7.44 -19.53 2.00
C PHE A 361 -8.50 -20.21 2.87
N ASP A 362 -8.49 -19.90 4.17
CA ASP A 362 -9.33 -20.57 5.16
C ASP A 362 -10.65 -19.81 5.25
N ARG A 363 -11.51 -20.06 4.28
CA ARG A 363 -12.80 -19.38 4.20
C ARG A 363 -13.66 -19.69 5.41
N ALA A 364 -13.61 -20.93 5.89
CA ALA A 364 -14.43 -21.31 7.03
C ALA A 364 -14.12 -20.44 8.24
N ARG A 365 -12.86 -20.12 8.46
CA ARG A 365 -12.48 -19.31 9.62
C ARG A 365 -12.11 -17.87 9.24
N LYS A 366 -12.46 -17.45 8.02
CA LYS A 366 -12.26 -16.07 7.57
C LYS A 366 -10.84 -15.59 7.84
N ARG A 367 -9.87 -16.36 7.34
CA ARG A 367 -8.48 -16.00 7.56
C ARG A 367 -7.65 -16.59 6.43
N ILE A 368 -6.49 -15.98 6.20
CA ILE A 368 -5.52 -16.46 5.22
C ILE A 368 -4.22 -16.75 5.94
N GLY A 369 -3.67 -17.97 5.75
CA GLY A 369 -2.43 -18.38 6.39
C GLY A 369 -1.26 -18.34 5.43
N PHE A 370 -0.08 -18.01 5.95
CA PHE A 370 1.16 -17.98 5.20
C PHE A 370 2.20 -18.83 5.91
N ALA A 371 2.91 -19.66 5.16
CA ALA A 371 4.08 -20.38 5.69
C ALA A 371 5.13 -20.48 4.60
N VAL A 372 6.39 -20.69 5.02
CA VAL A 372 7.44 -20.94 4.03
C VAL A 372 7.14 -22.22 3.29
N SER A 373 7.17 -22.15 1.96
CA SER A 373 6.88 -23.28 1.11
C SER A 373 8.08 -24.21 0.95
N ALA A 374 7.78 -25.48 0.70
CA ALA A 374 8.83 -26.43 0.32
C ALA A 374 9.57 -26.00 -0.94
N CYS A 375 8.92 -25.26 -1.84
CA CYS A 375 9.61 -24.72 -3.01
C CYS A 375 10.01 -23.27 -2.79
N HIS A 376 10.72 -23.00 -1.71
CA HIS A 376 11.05 -21.63 -1.34
C HIS A 376 12.22 -21.11 -2.16
N VAL A 377 12.37 -19.78 -2.13
CA VAL A 377 13.42 -19.10 -2.87
C VAL A 377 14.75 -19.25 -2.15
N HIS A 378 15.82 -19.57 -2.90
CA HIS A 378 17.14 -19.87 -2.35
C HIS A 378 18.11 -18.74 -2.66
N ASP A 379 18.48 -17.99 -1.63
CA ASP A 379 19.58 -17.03 -1.65
C ASP A 379 20.71 -17.61 -0.80
N GLU A 380 21.94 -17.16 -1.06
CA GLU A 380 23.04 -17.78 -0.34
C GLU A 380 23.22 -17.24 1.07
N PHE A 381 22.87 -15.97 1.30
CA PHE A 381 22.97 -15.39 2.63
C PHE A 381 21.63 -14.92 3.19
N ARG A 382 20.54 -15.03 2.43
CA ARG A 382 19.23 -14.55 2.87
C ARG A 382 18.19 -15.61 2.55
N THR A 383 17.05 -15.53 3.24
CA THR A 383 15.96 -16.46 2.98
C THR A 383 14.60 -15.80 3.15
N ALA A 384 13.66 -16.17 2.27
CA ALA A 384 12.29 -15.77 2.48
C ALA A 384 11.81 -16.36 3.80
N ALA A 385 10.90 -15.65 4.48
CA ALA A 385 10.55 -16.03 5.84
C ALA A 385 9.13 -15.59 6.13
N VAL A 386 8.48 -16.31 7.06
CA VAL A 386 7.23 -15.91 7.69
C VAL A 386 7.51 -15.97 9.18
N GLU A 387 7.45 -14.82 9.85
CA GLU A 387 7.97 -14.70 11.21
C GLU A 387 7.00 -13.97 12.11
N GLY A 388 6.87 -14.46 13.33
CA GLY A 388 6.06 -13.82 14.35
C GLY A 388 6.30 -14.44 15.71
N PRO A 389 5.59 -13.95 16.74
CA PRO A 389 4.66 -12.81 16.66
C PRO A 389 5.37 -11.48 16.77
N PHE A 390 4.75 -10.42 16.26
CA PHE A 390 5.20 -9.05 16.47
C PHE A 390 4.09 -8.30 17.18
N VAL A 391 4.46 -7.29 17.96
CA VAL A 391 3.47 -6.41 18.57
C VAL A 391 3.35 -5.18 17.67
N THR A 392 2.11 -4.81 17.37
CA THR A 392 1.82 -3.66 16.51
C THR A 392 0.58 -3.00 17.10
N LEU A 393 0.72 -1.75 17.54
CA LEU A 393 -0.41 -1.07 18.15
C LEU A 393 -1.31 -0.45 17.07
N ASP A 394 -2.56 -0.21 17.45
CA ASP A 394 -3.54 0.49 16.61
C ASP A 394 -3.64 -0.07 15.19
N MET A 395 -3.70 -1.40 15.08
CA MET A 395 -3.76 -2.00 13.74
C MET A 395 -5.07 -1.68 13.03
N GLU A 396 -6.15 -1.49 13.78
CA GLU A 396 -7.44 -1.15 13.16
C GLU A 396 -7.36 0.15 12.38
N ASP A 397 -6.50 1.07 12.79
CA ASP A 397 -6.33 2.32 12.06
C ASP A 397 -5.73 2.13 10.68
N CYS A 398 -5.19 0.94 10.38
CA CYS A 398 -4.54 0.78 9.09
C CYS A 398 -5.54 0.49 7.98
N GLY A 399 -6.75 0.08 8.33
CA GLY A 399 -7.75 -0.15 7.31
C GLY A 399 -8.24 1.16 6.73
N TYR A 400 -8.41 1.18 5.41
CA TYR A 400 -8.96 2.35 4.75
C TYR A 400 -10.47 2.30 4.75
N ASN A 401 -11.10 3.45 4.98
CA ASN A 401 -12.55 3.58 4.94
C ASN A 401 -12.96 4.64 3.92
N SER B 14 -17.85 -7.01 -31.91
CA SER B 14 -16.65 -6.23 -31.61
C SER B 14 -16.90 -5.27 -30.45
N PHE B 15 -18.09 -5.37 -29.85
CA PHE B 15 -18.50 -4.39 -28.86
C PHE B 15 -17.86 -4.63 -27.49
N VAL B 16 -17.29 -5.81 -27.24
CA VAL B 16 -16.68 -6.08 -25.93
C VAL B 16 -15.61 -5.05 -25.61
N GLU B 17 -14.96 -4.49 -26.62
CA GLU B 17 -13.94 -3.48 -26.40
C GLU B 17 -14.49 -2.21 -25.75
N MET B 18 -15.79 -1.93 -25.90
CA MET B 18 -16.39 -0.71 -25.37
C MET B 18 -17.14 -0.94 -24.07
N VAL B 19 -17.30 -2.18 -23.64
CA VAL B 19 -17.94 -2.43 -22.37
C VAL B 19 -17.10 -1.80 -21.25
N ASP B 20 -17.79 -1.19 -20.28
CA ASP B 20 -17.14 -0.64 -19.09
C ASP B 20 -16.25 0.55 -19.42
N ASN B 21 -16.55 1.29 -20.49
CA ASN B 21 -15.70 2.42 -20.87
C ASN B 21 -16.14 3.75 -20.27
N LEU B 22 -17.14 3.74 -19.39
CA LEU B 22 -17.59 4.95 -18.71
C LEU B 22 -17.25 4.90 -17.23
N ARG B 23 -16.90 6.06 -16.68
CA ARG B 23 -16.71 6.25 -15.25
C ARG B 23 -17.40 7.55 -14.83
N GLY B 24 -17.56 7.72 -13.54
CA GLY B 24 -18.12 8.96 -13.02
C GLY B 24 -18.13 8.95 -11.50
N LYS B 25 -18.44 10.12 -10.94
CA LYS B 25 -18.81 10.23 -9.55
C LYS B 25 -20.30 10.53 -9.45
N SER B 26 -20.94 10.00 -8.41
CA SER B 26 -22.38 10.13 -8.25
C SER B 26 -22.82 11.59 -8.32
N GLY B 27 -23.80 11.88 -9.18
CA GLY B 27 -24.32 13.21 -9.36
C GLY B 27 -23.44 14.14 -10.16
N GLN B 28 -22.31 13.66 -10.68
CA GLN B 28 -21.38 14.50 -11.43
C GLN B 28 -21.20 14.07 -12.88
N GLY B 29 -22.00 13.15 -13.39
CA GLY B 29 -21.97 12.80 -14.79
C GLY B 29 -21.13 11.56 -15.08
N TYR B 30 -21.33 11.00 -16.27
CA TYR B 30 -20.54 9.89 -16.77
C TYR B 30 -19.61 10.38 -17.88
N TYR B 31 -18.35 9.96 -17.86
CA TYR B 31 -17.41 10.40 -18.87
C TYR B 31 -16.70 9.22 -19.53
N VAL B 32 -16.24 9.48 -20.76
CA VAL B 32 -15.50 8.53 -21.58
C VAL B 32 -14.15 9.16 -21.89
N GLU B 33 -13.12 8.31 -22.00
CA GLU B 33 -11.80 8.80 -22.35
C GLU B 33 -11.70 9.05 -23.85
N MET B 34 -11.15 10.19 -24.23
CA MET B 34 -10.97 10.54 -25.64
C MET B 34 -9.57 11.11 -25.80
N THR B 35 -9.10 11.18 -27.05
CA THR B 35 -7.87 11.91 -27.36
C THR B 35 -8.16 12.92 -28.47
N VAL B 36 -7.53 14.10 -28.39
CA VAL B 36 -7.64 15.10 -29.44
C VAL B 36 -6.23 15.57 -29.82
N GLY B 37 -6.06 15.88 -31.11
CA GLY B 37 -4.83 16.47 -31.59
C GLY B 37 -3.75 15.45 -31.90
N SER B 38 -2.69 15.95 -32.54
CA SER B 38 -1.52 15.15 -32.91
C SER B 38 -0.27 15.85 -32.38
N PRO B 39 0.49 15.24 -31.44
CA PRO B 39 0.24 13.93 -30.84
C PRO B 39 -0.98 13.93 -29.92
N PRO B 40 -1.59 12.76 -29.71
CA PRO B 40 -2.88 12.70 -29.00
C PRO B 40 -2.77 13.25 -27.59
N GLN B 41 -3.69 14.15 -27.24
CA GLN B 41 -3.87 14.62 -25.88
C GLN B 41 -5.08 13.91 -25.26
N THR B 42 -4.87 13.27 -24.11
CA THR B 42 -5.92 12.48 -23.46
C THR B 42 -6.77 13.36 -22.55
N LEU B 43 -8.09 13.22 -22.66
CA LEU B 43 -9.04 13.97 -21.86
C LEU B 43 -10.23 13.09 -21.53
N ASN B 44 -10.81 13.29 -20.34
CA ASN B 44 -12.05 12.64 -19.95
C ASN B 44 -13.21 13.55 -20.33
N ILE B 45 -14.21 12.99 -21.03
CA ILE B 45 -15.24 13.79 -21.69
C ILE B 45 -16.62 13.33 -21.20
N LEU B 46 -17.37 14.27 -20.63
CA LEU B 46 -18.71 13.96 -20.15
C LEU B 46 -19.65 13.63 -21.31
N VAL B 47 -20.40 12.54 -21.15
CA VAL B 47 -21.32 12.04 -22.18
C VAL B 47 -22.69 12.69 -21.96
N ASP B 48 -23.12 13.54 -22.90
CA ASP B 48 -24.32 14.36 -22.74
C ASP B 48 -25.28 14.18 -23.91
N THR B 49 -26.33 13.37 -23.74
CA THR B 49 -27.36 13.31 -24.78
C THR B 49 -28.30 14.53 -24.76
N GLY B 50 -28.11 15.48 -23.85
CA GLY B 50 -28.93 16.67 -23.79
C GLY B 50 -28.37 17.89 -24.52
N SER B 51 -27.28 17.74 -25.28
CA SER B 51 -26.72 18.85 -26.04
C SER B 51 -25.98 18.28 -27.25
N SER B 52 -25.40 19.17 -28.07
CA SER B 52 -24.90 18.76 -29.38
C SER B 52 -23.53 19.35 -29.72
N ASN B 53 -22.84 19.96 -28.79
CA ASN B 53 -21.50 20.51 -29.02
C ASN B 53 -20.45 19.64 -28.36
N PHE B 54 -19.34 19.45 -29.06
CA PHE B 54 -18.14 18.85 -28.49
C PHE B 54 -17.23 19.97 -28.02
N ALA B 55 -16.89 19.99 -26.73
CA ALA B 55 -16.10 21.10 -26.22
C ALA B 55 -15.16 20.60 -25.13
N VAL B 56 -14.00 21.25 -25.01
CA VAL B 56 -13.00 20.85 -24.02
C VAL B 56 -12.41 22.10 -23.37
N GLY B 57 -12.15 22.02 -22.08
CA GLY B 57 -11.35 23.05 -21.44
C GLY B 57 -10.03 23.22 -22.19
N ALA B 58 -9.66 24.48 -22.47
CA ALA B 58 -8.46 24.77 -23.26
C ALA B 58 -7.60 25.84 -22.60
N ALA B 59 -7.85 26.12 -21.32
CA ALA B 59 -7.13 27.13 -20.56
C ALA B 59 -7.23 26.75 -19.11
N PRO B 60 -6.27 27.17 -18.27
CA PRO B 60 -6.28 26.74 -16.88
C PRO B 60 -7.56 27.12 -16.15
N HIS B 61 -7.94 26.29 -15.18
CA HIS B 61 -9.14 26.48 -14.39
C HIS B 61 -8.92 25.76 -13.08
N PRO B 62 -9.39 26.31 -11.96
CA PRO B 62 -9.15 25.66 -10.66
C PRO B 62 -9.61 24.20 -10.60
N PHE B 63 -10.62 23.84 -11.39
CA PHE B 63 -11.21 22.50 -11.33
C PHE B 63 -10.69 21.57 -12.41
N LEU B 64 -9.84 22.06 -13.31
CA LEU B 64 -9.29 21.25 -14.38
C LEU B 64 -7.92 20.73 -13.99
N HIS B 65 -7.74 19.41 -14.07
CA HIS B 65 -6.42 18.81 -13.87
C HIS B 65 -5.60 18.79 -15.14
N ARG B 66 -6.25 18.95 -16.30
CA ARG B 66 -5.56 19.05 -17.57
C ARG B 66 -6.50 19.75 -18.54
N TYR B 67 -5.95 20.19 -19.67
CA TYR B 67 -6.78 20.85 -20.67
C TYR B 67 -6.13 20.69 -22.04
N TYR B 68 -6.93 20.99 -23.06
CA TYR B 68 -6.50 20.92 -24.45
C TYR B 68 -5.53 22.06 -24.76
N GLN B 69 -4.38 21.71 -25.33
CA GLN B 69 -3.36 22.72 -25.68
C GLN B 69 -3.26 22.74 -27.20
N ARG B 70 -3.95 23.69 -27.82
CA ARG B 70 -4.05 23.73 -29.27
C ARG B 70 -2.69 23.96 -29.92
N GLN B 71 -1.82 24.71 -29.24
CA GLN B 71 -0.51 25.06 -29.80
C GLN B 71 0.36 23.81 -30.01
N LEU B 72 0.11 22.75 -29.25
CA LEU B 72 0.90 21.52 -29.33
C LEU B 72 0.32 20.51 -30.32
N SER B 73 -0.78 20.83 -31.00
CA SER B 73 -1.37 19.92 -31.97
C SER B 73 -1.10 20.44 -33.38
N SER B 74 -0.47 19.59 -34.21
CA SER B 74 -0.13 19.97 -35.57
C SER B 74 -1.32 19.88 -36.52
N THR B 75 -2.39 19.21 -36.10
CA THR B 75 -3.58 19.06 -36.92
C THR B 75 -4.69 20.03 -36.52
N TYR B 76 -4.48 20.83 -35.48
CA TYR B 76 -5.48 21.81 -35.08
C TYR B 76 -5.69 22.86 -36.18
N ARG B 77 -6.96 23.18 -36.46
CA ARG B 77 -7.29 24.28 -37.36
C ARG B 77 -8.23 25.24 -36.64
N ASP B 78 -7.92 26.54 -36.72
CA ASP B 78 -8.76 27.56 -36.14
C ASP B 78 -9.90 27.89 -37.09
N LEU B 79 -11.13 27.92 -36.58
CA LEU B 79 -12.27 28.32 -37.41
C LEU B 79 -12.56 29.82 -37.36
N ARG B 80 -11.85 30.56 -36.51
CA ARG B 80 -11.97 32.02 -36.46
C ARG B 80 -13.41 32.47 -36.14
N LYS B 81 -14.09 31.71 -35.28
CA LYS B 81 -15.41 32.05 -34.79
C LYS B 81 -15.53 31.70 -33.31
N GLY B 82 -16.21 32.55 -32.54
CA GLY B 82 -16.48 32.28 -31.15
C GLY B 82 -17.75 31.46 -30.99
N VAL B 83 -18.00 31.00 -29.77
CA VAL B 83 -19.20 30.20 -29.52
C VAL B 83 -19.57 30.33 -28.05
N TYR B 84 -20.87 30.34 -27.78
CA TYR B 84 -21.44 30.32 -26.44
C TYR B 84 -22.44 29.18 -26.33
N VAL B 85 -22.41 28.42 -25.24
CA VAL B 85 -23.36 27.34 -25.00
C VAL B 85 -23.92 27.42 -23.59
N PRO B 86 -25.21 27.65 -23.41
CA PRO B 86 -25.81 27.61 -22.08
C PRO B 86 -26.48 26.27 -21.82
N TYR B 87 -26.44 25.79 -20.59
CA TYR B 87 -27.13 24.57 -20.21
C TYR B 87 -28.16 24.91 -19.14
N THR B 88 -28.90 23.90 -18.69
CA THR B 88 -29.78 24.12 -17.54
C THR B 88 -28.96 24.54 -16.32
N GLN B 89 -27.85 23.85 -16.10
CA GLN B 89 -26.85 24.21 -15.09
C GLN B 89 -25.55 24.52 -15.81
N GLY B 90 -25.16 25.78 -15.82
CA GLY B 90 -23.83 26.11 -16.29
C GLY B 90 -23.80 26.64 -17.72
N LYS B 91 -22.69 27.26 -18.08
CA LYS B 91 -22.52 27.83 -19.41
C LYS B 91 -21.03 28.04 -19.64
N TRP B 92 -20.66 28.09 -20.92
CA TRP B 92 -19.28 28.40 -21.28
C TRP B 92 -19.27 29.10 -22.63
N GLU B 93 -18.16 29.78 -22.88
CA GLU B 93 -17.88 30.39 -24.17
C GLU B 93 -16.50 29.92 -24.60
N GLY B 94 -16.27 29.94 -25.91
CA GLY B 94 -14.99 29.47 -26.38
C GLY B 94 -14.76 29.83 -27.82
N GLU B 95 -13.70 29.25 -28.37
CA GLU B 95 -13.24 29.48 -29.73
C GLU B 95 -13.42 28.20 -30.53
N LEU B 96 -14.06 28.30 -31.70
CA LEU B 96 -14.29 27.14 -32.54
C LEU B 96 -13.04 26.74 -33.33
N GLY B 97 -12.90 25.45 -33.55
CA GLY B 97 -11.84 24.92 -34.40
C GLY B 97 -12.15 23.50 -34.76
N THR B 98 -11.23 22.86 -35.48
CA THR B 98 -11.33 21.42 -35.73
C THR B 98 -10.00 20.76 -35.40
N ASP B 99 -10.05 19.46 -35.12
CA ASP B 99 -8.86 18.65 -34.84
C ASP B 99 -9.24 17.18 -34.95
N LEU B 100 -8.21 16.33 -34.90
CA LEU B 100 -8.40 14.89 -34.94
C LEU B 100 -8.77 14.36 -33.57
N VAL B 101 -9.71 13.41 -33.55
CA VAL B 101 -10.30 12.90 -32.31
C VAL B 101 -10.41 11.39 -32.38
N SER B 102 -10.08 10.72 -31.28
CA SER B 102 -10.23 9.28 -31.18
C SER B 102 -10.84 8.91 -29.84
N ILE B 103 -11.36 7.69 -29.77
CA ILE B 103 -11.93 7.12 -28.56
C ILE B 103 -11.19 5.83 -28.25
N PRO B 104 -10.22 5.86 -27.33
CA PRO B 104 -9.39 4.66 -27.07
C PRO B 104 -10.19 3.40 -26.80
N HIS B 105 -11.21 3.47 -25.96
CA HIS B 105 -12.09 2.32 -25.73
C HIS B 105 -13.39 2.50 -26.52
N GLY B 106 -13.24 2.80 -27.80
CA GLY B 106 -14.36 2.93 -28.70
C GLY B 106 -14.03 2.21 -29.99
N PRO B 107 -14.68 2.57 -31.08
CA PRO B 107 -14.29 2.02 -32.38
C PRO B 107 -12.89 2.49 -32.72
N ASN B 108 -12.20 1.68 -33.53
CA ASN B 108 -10.82 1.98 -33.92
C ASN B 108 -10.81 2.89 -35.14
N VAL B 109 -11.18 4.15 -34.90
CA VAL B 109 -11.25 5.17 -35.94
C VAL B 109 -10.69 6.49 -35.42
N THR B 110 -10.40 7.38 -36.37
CA THR B 110 -10.01 8.75 -36.09
C THR B 110 -10.80 9.68 -37.00
N VAL B 111 -11.42 10.70 -36.41
CA VAL B 111 -12.28 11.60 -37.17
C VAL B 111 -11.81 13.03 -36.97
N ARG B 112 -12.01 13.85 -38.00
CA ARG B 112 -11.83 15.28 -37.85
C ARG B 112 -13.17 15.87 -37.45
N ALA B 113 -13.22 16.47 -36.26
CA ALA B 113 -14.46 16.96 -35.68
C ALA B 113 -14.31 18.42 -35.28
N ASN B 114 -15.44 19.12 -35.26
CA ASN B 114 -15.53 20.44 -34.63
C ASN B 114 -15.24 20.32 -33.14
N ILE B 115 -14.48 21.26 -32.62
CA ILE B 115 -14.15 21.28 -31.19
C ILE B 115 -14.25 22.72 -30.73
N ALA B 116 -15.01 22.97 -29.67
CA ALA B 116 -15.03 24.28 -29.04
C ALA B 116 -14.00 24.28 -27.93
N ALA B 117 -13.02 25.16 -28.03
CA ALA B 117 -11.99 25.33 -27.00
C ALA B 117 -12.52 26.28 -25.95
N ILE B 118 -12.84 25.76 -24.77
CA ILE B 118 -13.48 26.56 -23.73
C ILE B 118 -12.47 27.50 -23.09
N THR B 119 -12.74 28.81 -23.16
CA THR B 119 -11.87 29.81 -22.57
C THR B 119 -12.46 30.48 -21.34
N GLU B 120 -13.78 30.46 -21.16
CA GLU B 120 -14.40 31.00 -19.96
C GLU B 120 -15.68 30.22 -19.68
N SER B 121 -16.01 30.08 -18.39
CA SER B 121 -17.14 29.23 -18.03
C SER B 121 -17.68 29.64 -16.67
N ASP B 122 -18.89 29.21 -16.37
CA ASP B 122 -19.56 29.54 -15.12
C ASP B 122 -20.42 28.35 -14.69
N LYS B 123 -20.11 27.78 -13.52
CA LYS B 123 -20.86 26.66 -12.95
C LYS B 123 -20.96 25.48 -13.91
N PHE B 124 -19.95 25.32 -14.77
CA PHE B 124 -19.90 24.21 -15.71
C PHE B 124 -18.99 23.10 -15.20
N PHE B 125 -17.70 23.40 -15.02
CA PHE B 125 -16.77 22.41 -14.50
C PHE B 125 -17.06 22.18 -13.02
N ILE B 126 -16.86 20.94 -12.58
CA ILE B 126 -17.19 20.52 -11.23
C ILE B 126 -15.89 20.15 -10.52
N ASN B 127 -15.70 20.68 -9.31
CA ASN B 127 -14.49 20.40 -8.56
C ASN B 127 -14.39 18.91 -8.26
N GLY B 128 -13.33 18.27 -8.78
CA GLY B 128 -13.08 16.87 -8.51
C GLY B 128 -13.83 15.88 -9.39
N SER B 129 -14.46 16.34 -10.47
CA SER B 129 -15.32 15.46 -11.26
C SER B 129 -14.53 14.45 -12.07
N ASN B 130 -13.29 14.79 -12.44
CA ASN B 130 -12.36 14.02 -13.25
C ASN B 130 -12.68 14.11 -14.74
N TRP B 131 -13.55 15.00 -15.19
CA TRP B 131 -13.74 15.22 -16.61
C TRP B 131 -13.41 16.66 -16.98
N GLU B 132 -13.00 16.85 -18.24
CA GLU B 132 -12.47 18.11 -18.71
C GLU B 132 -13.19 18.66 -19.95
N GLY B 133 -14.23 17.99 -20.43
CA GLY B 133 -14.91 18.43 -21.62
C GLY B 133 -16.26 17.74 -21.69
N ILE B 134 -17.00 18.03 -22.76
CA ILE B 134 -18.36 17.52 -22.92
C ILE B 134 -18.54 17.03 -24.35
N LEU B 135 -19.20 15.89 -24.50
CA LEU B 135 -19.54 15.33 -25.80
C LEU B 135 -21.06 15.40 -25.97
N GLY B 136 -21.52 16.41 -26.71
CA GLY B 136 -22.93 16.53 -27.00
C GLY B 136 -23.37 15.56 -28.09
N LEU B 137 -24.21 14.59 -27.73
CA LEU B 137 -24.63 13.53 -28.65
C LEU B 137 -25.97 13.78 -29.31
N ALA B 138 -26.65 14.90 -29.01
CA ALA B 138 -27.93 15.19 -29.65
C ALA B 138 -27.73 15.77 -31.06
N TYR B 139 -28.80 16.29 -31.68
CA TYR B 139 -28.75 16.56 -33.11
C TYR B 139 -28.32 18.01 -33.41
N ALA B 140 -27.94 18.25 -34.68
CA ALA B 140 -27.42 19.56 -35.10
C ALA B 140 -28.40 20.70 -34.85
N GLU B 141 -29.71 20.41 -34.85
CA GLU B 141 -30.73 21.43 -34.68
C GLU B 141 -30.54 22.26 -33.42
N ILE B 142 -29.95 21.70 -32.36
CA ILE B 142 -29.69 22.48 -31.14
C ILE B 142 -28.21 22.76 -30.94
N ALA B 143 -27.38 22.52 -31.95
CA ALA B 143 -25.98 22.90 -31.82
C ALA B 143 -25.85 24.43 -31.86
N ARG B 144 -24.84 24.93 -31.15
CA ARG B 144 -24.44 26.34 -31.17
C ARG B 144 -23.15 26.50 -31.99
N PRO B 145 -22.98 27.61 -32.74
CA PRO B 145 -23.95 28.72 -32.81
C PRO B 145 -25.18 28.44 -33.65
N ASP B 146 -25.13 27.47 -34.56
CA ASP B 146 -26.31 27.11 -35.34
C ASP B 146 -26.15 25.69 -35.86
N ASP B 147 -27.15 25.22 -36.61
CA ASP B 147 -27.14 23.82 -37.01
C ASP B 147 -26.15 23.52 -38.11
N SER B 148 -25.39 24.50 -38.59
CA SER B 148 -24.33 24.18 -39.53
C SER B 148 -23.07 23.66 -38.85
N LEU B 149 -22.96 23.76 -37.52
CA LEU B 149 -21.80 23.20 -36.82
C LEU B 149 -22.07 21.72 -36.57
N GLU B 150 -21.46 20.87 -37.39
CA GLU B 150 -21.74 19.44 -37.36
C GLU B 150 -21.35 18.82 -36.02
N PRO B 151 -22.26 18.14 -35.35
CA PRO B 151 -21.91 17.48 -34.08
C PRO B 151 -20.99 16.29 -34.29
N PHE B 152 -20.34 15.89 -33.21
CA PHE B 152 -19.31 14.84 -33.28
C PHE B 152 -19.86 13.54 -33.88
N PHE B 153 -21.01 13.08 -33.39
CA PHE B 153 -21.48 11.77 -33.83
C PHE B 153 -21.83 11.80 -35.32
N ASP B 154 -22.37 12.93 -35.79
CA ASP B 154 -22.60 13.10 -37.22
C ASP B 154 -21.30 12.98 -38.02
N SER B 155 -20.24 13.66 -37.57
CA SER B 155 -18.94 13.52 -38.24
C SER B 155 -18.45 12.07 -38.20
N LEU B 156 -18.59 11.43 -37.05
CA LEU B 156 -18.16 10.03 -36.91
C LEU B 156 -18.82 9.13 -37.94
N VAL B 157 -20.15 9.24 -38.07
CA VAL B 157 -20.89 8.39 -39.00
C VAL B 157 -20.55 8.75 -40.45
N LYS B 158 -20.41 10.04 -40.74
CA LYS B 158 -20.09 10.44 -42.11
C LYS B 158 -18.71 9.95 -42.54
N GLN B 159 -17.72 10.01 -41.65
CA GLN B 159 -16.33 9.76 -42.00
C GLN B 159 -15.91 8.31 -41.84
N THR B 160 -16.70 7.48 -41.16
CA THR B 160 -16.32 6.08 -40.96
C THR B 160 -17.47 5.16 -41.33
N HIS B 161 -17.31 3.86 -41.09
CA HIS B 161 -18.39 2.91 -41.33
C HIS B 161 -19.20 2.59 -40.07
N VAL B 162 -19.00 3.35 -39.00
CA VAL B 162 -19.76 3.15 -37.77
C VAL B 162 -21.25 3.31 -38.03
N PRO B 163 -22.06 2.32 -37.70
CA PRO B 163 -23.52 2.47 -37.85
C PRO B 163 -24.07 3.60 -36.99
N ASN B 164 -25.18 4.18 -37.44
CA ASN B 164 -25.75 5.42 -36.88
C ASN B 164 -26.63 5.10 -35.68
N LEU B 165 -25.98 4.63 -34.62
CA LEU B 165 -26.65 4.44 -33.33
C LEU B 165 -25.60 4.21 -32.26
N PHE B 166 -25.99 4.50 -31.03
CA PHE B 166 -25.16 4.22 -29.86
C PHE B 166 -26.11 3.83 -28.73
N SER B 167 -25.56 3.16 -27.72
CA SER B 167 -26.37 2.75 -26.59
C SER B 167 -25.60 3.06 -25.31
N LEU B 168 -26.36 3.35 -24.25
CA LEU B 168 -25.78 3.75 -22.96
C LEU B 168 -26.30 2.83 -21.86
N GLN B 169 -25.37 2.25 -21.10
CA GLN B 169 -25.69 1.49 -19.89
C GLN B 169 -25.05 2.27 -18.74
N LEU B 170 -25.83 3.07 -18.02
CA LEU B 170 -25.32 3.85 -16.90
C LEU B 170 -25.60 3.08 -15.63
N CYS B 171 -24.56 2.81 -14.82
CA CYS B 171 -24.73 2.00 -13.63
C CYS B 171 -24.66 2.83 -12.37
N GLY B 172 -25.56 2.55 -11.44
CA GLY B 172 -25.64 3.31 -10.20
C GLY B 172 -24.60 2.90 -9.18
N ALA B 173 -24.91 3.14 -7.91
CA ALA B 173 -24.03 2.76 -6.81
C ALA B 173 -24.22 1.29 -6.43
N SER B 185 -16.58 6.14 -8.77
CA SER B 185 -17.68 5.70 -7.93
C SER B 185 -18.79 4.99 -8.73
N VAL B 186 -18.99 5.41 -9.98
CA VAL B 186 -19.92 4.74 -10.88
C VAL B 186 -19.21 4.39 -12.19
N GLY B 187 -19.83 3.49 -12.95
CA GLY B 187 -19.28 3.09 -14.22
C GLY B 187 -20.43 2.82 -15.17
N GLY B 188 -20.07 2.42 -16.39
CA GLY B 188 -21.07 2.06 -17.37
C GLY B 188 -20.43 1.82 -18.71
N SER B 189 -21.27 1.72 -19.73
CA SER B 189 -20.82 1.44 -21.08
C SER B 189 -21.52 2.36 -22.05
N MET B 190 -20.74 2.91 -22.98
CA MET B 190 -21.27 3.55 -24.18
C MET B 190 -20.84 2.70 -25.36
N ILE B 191 -21.80 1.99 -25.97
CA ILE B 191 -21.51 1.15 -27.14
C ILE B 191 -21.75 2.00 -28.38
N ILE B 192 -20.68 2.33 -29.10
CA ILE B 192 -20.77 3.21 -30.26
C ILE B 192 -20.93 2.34 -31.49
N GLY B 193 -22.07 2.49 -32.19
CA GLY B 193 -22.32 1.73 -33.39
C GLY B 193 -23.12 0.46 -33.22
N GLY B 194 -23.66 0.19 -32.04
CA GLY B 194 -24.46 -1.02 -31.93
C GLY B 194 -25.01 -1.25 -30.54
N ILE B 195 -25.45 -2.49 -30.34
CA ILE B 195 -26.15 -2.97 -29.15
C ILE B 195 -25.38 -4.18 -28.64
N ASP B 196 -25.02 -4.16 -27.36
CA ASP B 196 -24.31 -5.27 -26.74
C ASP B 196 -25.27 -6.05 -25.85
N HIS B 197 -25.52 -7.32 -26.20
CA HIS B 197 -26.54 -8.11 -25.50
C HIS B 197 -26.14 -8.51 -24.08
N SER B 198 -24.85 -8.42 -23.72
CA SER B 198 -24.51 -8.72 -22.34
C SER B 198 -24.93 -7.60 -21.39
N LEU B 199 -25.36 -6.45 -21.90
CA LEU B 199 -25.68 -5.31 -21.04
C LEU B 199 -27.14 -5.23 -20.64
N TYR B 200 -28.01 -6.14 -21.10
CA TYR B 200 -29.41 -6.06 -20.69
C TYR B 200 -30.04 -7.45 -20.64
N THR B 201 -31.17 -7.54 -19.97
CA THR B 201 -31.99 -8.74 -19.94
C THR B 201 -33.39 -8.43 -20.48
N GLY B 202 -34.10 -9.48 -20.89
CA GLY B 202 -35.43 -9.28 -21.41
C GLY B 202 -35.39 -8.61 -22.78
N SER B 203 -36.53 -8.01 -23.13
CA SER B 203 -36.70 -7.43 -24.45
C SER B 203 -36.45 -5.92 -24.45
N LEU B 204 -36.02 -5.42 -25.60
CA LEU B 204 -35.98 -3.98 -25.84
C LEU B 204 -37.34 -3.48 -26.29
N TRP B 205 -37.79 -2.36 -25.70
CA TRP B 205 -39.03 -1.70 -26.09
C TRP B 205 -38.67 -0.31 -26.62
N TYR B 206 -39.21 0.06 -27.78
CA TYR B 206 -38.83 1.28 -28.48
C TYR B 206 -39.93 2.34 -28.46
N THR B 207 -39.50 3.59 -28.29
CA THR B 207 -40.40 4.73 -28.41
C THR B 207 -39.87 5.65 -29.50
N PRO B 208 -40.74 6.26 -30.31
CA PRO B 208 -40.25 7.08 -31.42
C PRO B 208 -39.53 8.32 -30.93
N ILE B 209 -38.49 8.72 -31.64
CA ILE B 209 -37.94 10.05 -31.46
C ILE B 209 -38.89 11.01 -32.17
N ARG B 210 -39.53 11.89 -31.41
CA ARG B 210 -40.60 12.69 -32.00
C ARG B 210 -40.03 13.69 -33.02
N ARG B 211 -38.88 14.25 -32.71
CA ARG B 211 -38.24 15.26 -33.53
C ARG B 211 -36.75 15.17 -33.25
N GLU B 212 -35.93 15.28 -34.28
CA GLU B 212 -34.48 15.15 -34.10
C GLU B 212 -33.91 16.51 -33.72
N TRP B 213 -33.95 16.81 -32.42
CA TRP B 213 -33.23 17.99 -31.92
C TRP B 213 -32.61 17.60 -30.58
N TYR B 214 -33.34 17.74 -29.47
CA TYR B 214 -33.08 16.86 -28.34
C TYR B 214 -33.51 15.44 -28.73
N TYR B 215 -33.19 14.47 -27.85
CA TYR B 215 -33.82 13.15 -27.98
C TYR B 215 -35.19 13.27 -27.34
N GLU B 216 -36.15 13.77 -28.13
CA GLU B 216 -37.51 14.05 -27.67
C GLU B 216 -38.39 12.81 -27.79
N VAL B 217 -39.14 12.51 -26.73
CA VAL B 217 -40.06 11.38 -26.70
C VAL B 217 -41.41 11.89 -26.17
N ILE B 218 -42.42 11.02 -26.19
CA ILE B 218 -43.76 11.37 -25.73
C ILE B 218 -44.15 10.41 -24.61
N ILE B 219 -44.38 10.97 -23.42
CA ILE B 219 -44.91 10.24 -22.27
C ILE B 219 -46.43 10.29 -22.35
N VAL B 220 -47.07 9.12 -22.29
CA VAL B 220 -48.52 9.04 -22.49
C VAL B 220 -49.28 8.76 -21.21
N ARG B 221 -48.62 8.42 -20.12
CA ARG B 221 -49.31 8.13 -18.88
C ARG B 221 -48.27 8.07 -17.78
N VAL B 222 -48.67 8.45 -16.58
CA VAL B 222 -47.82 8.35 -15.41
C VAL B 222 -48.61 7.71 -14.28
N GLU B 223 -48.03 6.70 -13.65
CA GLU B 223 -48.64 6.03 -12.51
C GLU B 223 -47.67 6.09 -11.36
N ILE B 224 -48.20 6.31 -10.16
CA ILE B 224 -47.42 6.28 -8.93
C ILE B 224 -48.10 5.32 -7.98
N ASN B 225 -47.35 4.34 -7.47
CA ASN B 225 -47.89 3.26 -6.66
C ASN B 225 -49.05 2.57 -7.39
N GLY B 226 -48.91 2.44 -8.72
CA GLY B 226 -49.89 1.77 -9.54
C GLY B 226 -51.12 2.58 -9.86
N GLN B 227 -51.19 3.81 -9.38
CA GLN B 227 -52.37 4.66 -9.54
C GLN B 227 -52.09 5.79 -10.52
N ASP B 228 -52.98 5.95 -11.49
CA ASP B 228 -52.84 7.01 -12.49
C ASP B 228 -52.78 8.38 -11.83
N LEU B 229 -51.86 9.22 -12.31
CA LEU B 229 -51.83 10.62 -11.87
C LEU B 229 -53.02 11.41 -12.42
N LYS B 230 -53.68 10.90 -13.46
CA LYS B 230 -54.95 11.46 -13.97
C LYS B 230 -54.83 12.92 -14.38
N MET B 231 -53.72 13.28 -15.01
CA MET B 231 -53.58 14.57 -15.66
C MET B 231 -53.77 14.40 -17.17
N ASP B 232 -54.19 15.47 -17.83
CA ASP B 232 -54.09 15.51 -19.29
C ASP B 232 -52.65 15.20 -19.69
N CYS B 233 -52.48 14.19 -20.57
CA CYS B 233 -51.13 13.71 -20.84
C CYS B 233 -50.26 14.76 -21.52
N LYS B 234 -50.87 15.80 -22.12
CA LYS B 234 -50.08 16.93 -22.60
C LYS B 234 -49.25 17.57 -21.50
N GLU B 235 -49.73 17.52 -20.25
CA GLU B 235 -48.98 18.12 -19.14
C GLU B 235 -47.63 17.45 -18.95
N TYR B 236 -47.56 16.13 -19.20
CA TYR B 236 -46.31 15.37 -19.03
C TYR B 236 -45.24 15.80 -20.01
N ASN B 237 -45.64 16.35 -21.15
CA ASN B 237 -44.70 16.72 -22.21
C ASN B 237 -44.73 18.21 -22.49
N TYR B 238 -45.10 19.01 -21.50
CA TYR B 238 -45.15 20.47 -21.64
C TYR B 238 -43.84 21.05 -21.11
N ASP B 239 -43.01 21.60 -22.01
CA ASP B 239 -43.26 21.78 -23.44
C ASP B 239 -42.50 20.78 -24.34
N LYS B 240 -41.74 19.91 -23.70
CA LYS B 240 -41.11 18.76 -24.35
C LYS B 240 -40.78 17.73 -23.28
N SER B 241 -40.46 16.50 -23.72
CA SER B 241 -39.88 15.49 -22.84
C SER B 241 -38.63 14.96 -23.53
N ILE B 242 -37.53 14.87 -22.79
CA ILE B 242 -36.26 14.48 -23.41
C ILE B 242 -35.55 13.45 -22.55
N VAL B 243 -34.64 12.72 -23.20
CA VAL B 243 -33.76 11.76 -22.52
C VAL B 243 -32.38 12.41 -22.43
N ASP B 244 -31.86 12.60 -21.21
CA ASP B 244 -30.67 13.43 -21.01
C ASP B 244 -29.68 12.79 -20.05
N SER B 245 -28.64 12.15 -20.59
CA SER B 245 -27.64 11.52 -19.74
C SER B 245 -26.84 12.53 -18.93
N GLY B 246 -26.90 13.81 -19.29
CA GLY B 246 -26.16 14.86 -18.61
C GLY B 246 -26.92 15.59 -17.52
N THR B 247 -28.12 15.16 -17.18
CA THR B 247 -28.89 15.67 -16.05
C THR B 247 -29.02 14.56 -15.02
N THR B 248 -28.85 14.90 -13.73
CA THR B 248 -28.96 13.84 -12.71
C THR B 248 -30.42 13.41 -12.50
N ASN B 249 -31.32 14.37 -12.30
CA ASN B 249 -32.64 14.05 -11.76
C ASN B 249 -33.65 13.63 -12.84
N LEU B 250 -34.74 13.02 -12.39
CA LEU B 250 -36.00 13.08 -13.11
C LEU B 250 -36.60 14.47 -12.89
N ARG B 251 -36.68 15.28 -13.94
CA ARG B 251 -37.25 16.61 -13.83
C ARG B 251 -38.64 16.60 -14.46
N LEU B 252 -39.60 17.22 -13.78
CA LEU B 252 -41.00 17.19 -14.17
C LEU B 252 -41.58 18.60 -14.26
N PRO B 253 -42.45 18.87 -15.24
CA PRO B 253 -43.13 20.17 -15.27
C PRO B 253 -43.86 20.44 -13.96
N LYS B 254 -43.95 21.72 -13.61
CA LYS B 254 -44.43 22.15 -12.30
C LYS B 254 -45.70 21.43 -11.88
N LYS B 255 -46.74 21.48 -12.71
CA LYS B 255 -48.01 20.85 -12.35
C LYS B 255 -47.83 19.35 -12.13
N VAL B 256 -47.01 18.71 -12.96
CA VAL B 256 -46.76 17.28 -12.80
C VAL B 256 -45.94 17.01 -11.56
N PHE B 257 -44.91 17.83 -11.31
CA PHE B 257 -44.09 17.67 -10.12
C PHE B 257 -44.93 17.76 -8.84
N GLU B 258 -45.84 18.73 -8.78
CA GLU B 258 -46.66 18.88 -7.57
C GLU B 258 -47.55 17.67 -7.35
N ALA B 259 -48.19 17.18 -8.42
CA ALA B 259 -49.01 15.98 -8.32
C ALA B 259 -48.18 14.79 -7.89
N ALA B 260 -46.97 14.64 -8.46
CA ALA B 260 -46.15 13.49 -8.15
C ALA B 260 -45.70 13.51 -6.69
N VAL B 261 -45.25 14.67 -6.21
CA VAL B 261 -44.87 14.77 -4.80
C VAL B 261 -46.06 14.49 -3.89
N LYS B 262 -47.22 15.05 -4.22
CA LYS B 262 -48.42 14.76 -3.44
C LYS B 262 -48.67 13.27 -3.36
N SER B 263 -48.53 12.56 -4.48
CA SER B 263 -48.78 11.12 -4.49
C SER B 263 -47.68 10.37 -3.75
N ILE B 264 -46.43 10.82 -3.87
CA ILE B 264 -45.33 10.16 -3.19
C ILE B 264 -45.41 10.39 -1.68
N LYS B 265 -45.77 11.61 -1.27
CA LYS B 265 -45.95 11.90 0.16
C LYS B 265 -46.98 10.96 0.79
N ALA B 266 -48.12 10.79 0.13
CA ALA B 266 -49.17 9.93 0.68
C ALA B 266 -48.69 8.50 0.88
N ALA B 267 -47.92 7.97 -0.08
CA ALA B 267 -47.47 6.58 0.02
C ALA B 267 -46.41 6.39 1.10
N SER B 268 -45.66 7.44 1.43
CA SER B 268 -44.58 7.35 2.42
C SER B 268 -44.92 8.06 3.72
N SER B 269 -46.20 8.37 3.96
CA SER B 269 -46.60 9.15 5.12
C SER B 269 -46.37 8.43 6.45
N THR B 270 -45.94 7.16 6.42
CA THR B 270 -45.48 6.50 7.64
C THR B 270 -44.45 7.35 8.38
N GLU B 271 -43.45 7.86 7.65
CA GLU B 271 -42.44 8.75 8.19
C GLU B 271 -42.68 10.16 7.69
N LYS B 272 -42.18 11.14 8.43
CA LYS B 272 -42.27 12.54 8.06
C LYS B 272 -40.90 13.08 7.73
N PHE B 273 -40.85 13.97 6.77
CA PHE B 273 -39.60 14.46 6.23
C PHE B 273 -39.62 15.99 6.20
N PRO B 274 -38.47 16.62 6.40
CA PRO B 274 -38.40 18.08 6.27
C PRO B 274 -39.00 18.53 4.95
N ASP B 275 -39.68 19.68 4.98
CA ASP B 275 -40.32 20.18 3.77
C ASP B 275 -39.30 20.47 2.69
N GLY B 276 -38.06 20.79 3.08
CA GLY B 276 -36.97 20.97 2.12
C GLY B 276 -36.43 19.69 1.54
N PHE B 277 -36.77 18.53 2.11
CA PHE B 277 -36.36 17.26 1.53
C PHE B 277 -36.99 17.08 0.14
N TRP B 278 -38.29 17.34 0.05
CA TRP B 278 -39.01 17.23 -1.22
C TRP B 278 -38.56 18.28 -2.23
N LEU B 279 -37.83 19.31 -1.79
CA LEU B 279 -37.30 20.32 -2.68
C LEU B 279 -35.84 20.10 -3.03
N GLY B 280 -35.24 19.00 -2.57
CA GLY B 280 -33.88 18.67 -2.94
C GLY B 280 -32.81 19.41 -2.14
N GLU B 281 -33.22 20.16 -1.13
CA GLU B 281 -32.28 20.95 -0.33
C GLU B 281 -31.71 20.13 0.82
N GLN B 282 -32.58 19.52 1.62
CA GLN B 282 -32.17 18.72 2.76
C GLN B 282 -32.13 17.24 2.39
N LEU B 283 -31.07 16.55 2.81
CA LEU B 283 -31.03 15.11 2.69
C LEU B 283 -31.68 14.47 3.91
N VAL B 284 -31.93 13.17 3.81
CA VAL B 284 -32.49 12.40 4.91
C VAL B 284 -31.62 11.17 5.09
N CYS B 285 -31.48 10.74 6.35
CA CYS B 285 -30.60 9.64 6.67
C CYS B 285 -31.31 8.62 7.54
N TRP B 286 -30.84 7.37 7.44
CA TRP B 286 -31.28 6.27 8.28
C TRP B 286 -30.05 5.49 8.69
N GLN B 287 -30.17 4.79 9.83
CA GLN B 287 -29.11 3.92 10.28
C GLN B 287 -28.74 2.94 9.17
N ALA B 288 -27.45 2.88 8.85
CA ALA B 288 -26.94 2.10 7.73
C ALA B 288 -27.61 0.73 7.64
N GLY B 289 -28.20 0.45 6.49
CA GLY B 289 -28.90 -0.79 6.26
C GLY B 289 -30.33 -0.84 6.73
N THR B 290 -30.93 0.30 7.09
CA THR B 290 -32.31 0.32 7.56
C THR B 290 -33.21 1.25 6.72
N THR B 291 -32.76 1.63 5.53
CA THR B 291 -33.57 2.48 4.67
C THR B 291 -34.93 1.82 4.44
N PRO B 292 -36.06 2.52 4.68
CA PRO B 292 -37.40 1.94 4.53
C PRO B 292 -37.90 1.96 3.09
N TRP B 293 -37.19 1.25 2.21
CA TRP B 293 -37.53 1.27 0.79
C TRP B 293 -39.00 0.97 0.55
N ASN B 294 -39.57 0.04 1.32
CA ASN B 294 -40.92 -0.44 1.05
C ASN B 294 -41.99 0.64 1.23
N ILE B 295 -41.69 1.74 1.94
CA ILE B 295 -42.70 2.78 2.10
C ILE B 295 -42.72 3.77 0.94
N PHE B 296 -41.76 3.69 0.02
CA PHE B 296 -41.75 4.57 -1.15
C PHE B 296 -42.29 3.84 -2.38
N PRO B 297 -43.12 4.50 -3.16
CA PRO B 297 -43.79 3.83 -4.28
C PRO B 297 -42.90 3.70 -5.51
N VAL B 298 -43.33 2.82 -6.41
CA VAL B 298 -42.75 2.75 -7.74
C VAL B 298 -43.41 3.80 -8.63
N ILE B 299 -42.66 4.31 -9.59
CA ILE B 299 -43.14 5.26 -10.57
C ILE B 299 -43.04 4.60 -11.94
N SER B 300 -44.14 4.60 -12.69
CA SER B 300 -44.18 4.08 -14.05
C SER B 300 -44.41 5.22 -15.03
N LEU B 301 -43.51 5.34 -16.01
CA LEU B 301 -43.70 6.24 -17.14
C LEU B 301 -44.07 5.38 -18.34
N TYR B 302 -45.23 5.65 -18.93
CA TYR B 302 -45.64 4.97 -20.15
C TYR B 302 -45.21 5.82 -21.33
N LEU B 303 -44.51 5.21 -22.27
CA LEU B 303 -44.00 5.86 -23.46
C LEU B 303 -44.76 5.38 -24.69
N MET B 304 -44.91 6.29 -25.66
CA MET B 304 -45.49 5.93 -26.94
C MET B 304 -44.71 4.78 -27.57
N GLY B 305 -45.45 3.81 -28.09
CA GLY B 305 -44.88 2.63 -28.71
C GLY B 305 -44.71 2.76 -30.23
N GLU B 306 -44.34 1.64 -30.84
CA GLU B 306 -44.08 1.55 -32.28
C GLU B 306 -45.28 1.18 -33.15
N VAL B 307 -46.34 0.58 -32.61
CA VAL B 307 -47.51 0.23 -33.41
C VAL B 307 -48.74 0.98 -32.90
N THR B 308 -49.81 0.93 -33.70
CA THR B 308 -50.98 1.78 -33.45
C THR B 308 -51.59 1.50 -32.08
N ASN B 309 -51.83 2.56 -31.30
CA ASN B 309 -52.49 2.50 -29.99
C ASN B 309 -51.71 1.67 -28.98
N GLN B 310 -50.39 1.51 -29.16
CA GLN B 310 -49.59 0.65 -28.30
C GLN B 310 -48.53 1.45 -27.57
N SER B 311 -48.46 1.25 -26.26
CA SER B 311 -47.43 1.86 -25.42
C SER B 311 -46.67 0.78 -24.64
N PHE B 312 -45.69 1.21 -23.87
CA PHE B 312 -45.01 0.35 -22.90
C PHE B 312 -44.67 1.23 -21.72
N ARG B 313 -44.25 0.61 -20.61
CA ARG B 313 -43.89 1.38 -19.42
C ARG B 313 -42.50 1.02 -18.93
N ILE B 314 -41.82 1.99 -18.36
CA ILE B 314 -40.61 1.77 -17.58
C ILE B 314 -40.93 2.10 -16.14
N THR B 315 -40.55 1.22 -15.23
CA THR B 315 -40.87 1.38 -13.81
C THR B 315 -39.60 1.60 -13.02
N ILE B 316 -39.58 2.65 -12.22
CA ILE B 316 -38.37 3.04 -11.47
C ILE B 316 -38.63 2.84 -9.98
N LEU B 317 -37.61 2.36 -9.27
CA LEU B 317 -37.68 2.12 -7.83
C LEU B 317 -37.22 3.32 -7.03
N PRO B 318 -37.57 3.39 -5.74
CA PRO B 318 -37.02 4.45 -4.89
C PRO B 318 -35.49 4.43 -4.85
N GLN B 319 -34.88 3.25 -5.02
CA GLN B 319 -33.42 3.19 -5.07
C GLN B 319 -32.84 4.02 -6.22
N GLN B 320 -33.66 4.38 -7.21
CA GLN B 320 -33.24 5.30 -8.26
C GLN B 320 -33.52 6.76 -7.95
N TYR B 321 -34.70 7.08 -7.42
CA TYR B 321 -35.03 8.49 -7.26
C TYR B 321 -34.69 9.02 -5.87
N LEU B 322 -34.15 8.17 -5.00
CA LEU B 322 -33.49 8.60 -3.76
C LEU B 322 -31.98 8.45 -3.98
N ARG B 323 -31.33 9.57 -4.30
CA ARG B 323 -29.93 9.50 -4.70
C ARG B 323 -29.02 9.52 -3.47
N PRO B 324 -28.12 8.54 -3.32
CA PRO B 324 -27.28 8.51 -2.12
C PRO B 324 -26.19 9.56 -2.16
N VAL B 325 -25.95 10.18 -1.00
CA VAL B 325 -24.93 11.20 -0.83
C VAL B 325 -24.15 10.90 0.44
N GLU B 326 -22.95 11.47 0.53
CA GLU B 326 -22.08 11.26 1.68
C GLU B 326 -22.69 11.79 2.98
N ASP B 333 -23.95 6.42 8.51
CA ASP B 333 -25.32 6.13 8.11
C ASP B 333 -25.50 6.24 6.59
N ASP B 334 -26.70 5.93 6.10
CA ASP B 334 -27.04 6.08 4.69
C ASP B 334 -27.91 7.31 4.49
N CYS B 335 -27.44 8.24 3.67
CA CYS B 335 -28.13 9.50 3.43
C CYS B 335 -28.46 9.64 1.95
N TYR B 336 -29.59 10.29 1.65
CA TYR B 336 -30.10 10.37 0.29
C TYR B 336 -30.70 11.74 0.02
N LYS B 337 -30.56 12.18 -1.23
CA LYS B 337 -31.29 13.33 -1.76
C LYS B 337 -32.48 12.86 -2.60
N PHE B 338 -33.58 13.60 -2.50
CA PHE B 338 -34.73 13.38 -3.38
C PHE B 338 -34.36 13.86 -4.78
N ALA B 339 -34.31 12.94 -5.75
CA ALA B 339 -33.81 13.22 -7.09
C ALA B 339 -34.93 13.36 -8.13
N ILE B 340 -36.10 13.82 -7.71
CA ILE B 340 -37.17 14.26 -8.59
C ILE B 340 -37.37 15.75 -8.31
N SER B 341 -37.29 16.58 -9.35
CA SER B 341 -37.32 18.02 -9.14
C SER B 341 -38.13 18.72 -10.23
N GLN B 342 -38.39 20.00 -10.00
CA GLN B 342 -39.28 20.77 -10.86
C GLN B 342 -38.54 21.35 -12.04
N SER B 343 -39.24 21.47 -13.17
CA SER B 343 -38.70 22.03 -14.39
C SER B 343 -39.69 23.00 -15.00
N SER B 344 -39.18 24.02 -15.68
CA SER B 344 -40.01 24.88 -16.51
C SER B 344 -39.70 24.72 -17.98
N THR B 345 -38.89 23.72 -18.35
CA THR B 345 -38.56 23.45 -19.75
C THR B 345 -38.92 22.02 -20.15
N GLY B 346 -39.89 21.40 -19.47
CA GLY B 346 -40.38 20.07 -19.83
C GLY B 346 -39.79 18.97 -18.97
N THR B 347 -40.22 17.74 -19.26
CA THR B 347 -39.71 16.58 -18.55
C THR B 347 -38.28 16.29 -19.00
N VAL B 348 -37.41 15.98 -18.04
CA VAL B 348 -36.06 15.51 -18.34
C VAL B 348 -35.92 14.15 -17.69
N MET B 349 -35.75 13.12 -18.51
CA MET B 349 -35.45 11.78 -18.01
C MET B 349 -33.94 11.72 -17.86
N GLY B 350 -33.47 12.08 -16.67
CA GLY B 350 -32.05 12.14 -16.39
C GLY B 350 -31.46 10.81 -15.97
N ALA B 351 -30.27 10.89 -15.38
CA ALA B 351 -29.49 9.70 -15.09
C ALA B 351 -30.22 8.78 -14.13
N VAL B 352 -31.00 9.33 -13.19
CA VAL B 352 -31.68 8.44 -12.26
C VAL B 352 -32.76 7.63 -12.95
N ILE B 353 -33.28 8.10 -14.09
CA ILE B 353 -34.14 7.25 -14.90
C ILE B 353 -33.30 6.25 -15.68
N MET B 354 -32.22 6.72 -16.31
CA MET B 354 -31.45 5.86 -17.21
C MET B 354 -30.72 4.76 -16.45
N GLU B 355 -30.33 4.98 -15.19
CA GLU B 355 -29.53 4.00 -14.46
C GLU B 355 -30.22 2.64 -14.32
N GLY B 356 -31.54 2.59 -14.29
CA GLY B 356 -32.09 1.24 -14.27
C GLY B 356 -32.04 0.50 -15.61
N PHE B 357 -31.68 1.19 -16.69
CA PHE B 357 -31.93 0.66 -18.03
C PHE B 357 -30.75 0.70 -18.97
N TYR B 358 -30.81 -0.16 -19.97
CA TYR B 358 -29.98 -0.07 -21.15
C TYR B 358 -30.76 0.73 -22.19
N VAL B 359 -30.20 1.84 -22.64
CA VAL B 359 -30.94 2.79 -23.47
C VAL B 359 -30.26 2.85 -24.84
N VAL B 360 -31.01 2.52 -25.88
CA VAL B 360 -30.48 2.44 -27.23
C VAL B 360 -30.92 3.69 -27.98
N PHE B 361 -29.96 4.52 -28.40
CA PHE B 361 -30.28 5.72 -29.17
C PHE B 361 -30.14 5.35 -30.65
N ASP B 362 -31.24 4.82 -31.20
CA ASP B 362 -31.26 4.26 -32.55
C ASP B 362 -31.59 5.38 -33.53
N ARG B 363 -30.57 6.20 -33.83
CA ARG B 363 -30.77 7.35 -34.71
C ARG B 363 -31.21 6.91 -36.09
N ALA B 364 -30.63 5.79 -36.58
CA ALA B 364 -30.96 5.31 -37.92
C ALA B 364 -32.44 5.04 -38.07
N ARG B 365 -33.09 4.49 -37.02
CA ARG B 365 -34.52 4.19 -37.10
C ARG B 365 -35.37 5.18 -36.30
N LYS B 366 -34.79 6.32 -35.90
CA LYS B 366 -35.51 7.39 -35.20
C LYS B 366 -36.32 6.87 -34.03
N ARG B 367 -35.66 6.13 -33.13
CA ARG B 367 -36.36 5.55 -31.99
C ARG B 367 -35.36 5.35 -30.85
N ILE B 368 -35.88 5.30 -29.63
CA ILE B 368 -35.07 5.05 -28.44
C ILE B 368 -35.58 3.76 -27.78
N GLY B 369 -34.67 2.84 -27.52
CA GLY B 369 -35.03 1.56 -26.90
C GLY B 369 -34.69 1.55 -25.43
N PHE B 370 -35.51 0.86 -24.65
CA PHE B 370 -35.28 0.63 -23.22
C PHE B 370 -35.36 -0.86 -22.92
N ALA B 371 -34.40 -1.36 -22.14
CA ALA B 371 -34.45 -2.72 -21.60
C ALA B 371 -33.93 -2.66 -20.17
N VAL B 372 -34.32 -3.65 -19.35
CA VAL B 372 -33.76 -3.76 -18.01
C VAL B 372 -32.25 -3.95 -18.11
N SER B 373 -31.51 -3.19 -17.31
CA SER B 373 -30.05 -3.20 -17.37
C SER B 373 -29.48 -4.42 -16.66
N ALA B 374 -28.34 -4.92 -17.18
CA ALA B 374 -27.59 -5.95 -16.45
C ALA B 374 -27.13 -5.45 -15.09
N CYS B 375 -26.90 -4.15 -14.95
CA CYS B 375 -26.62 -3.57 -13.64
C CYS B 375 -27.89 -2.92 -13.11
N HIS B 376 -28.96 -3.71 -13.06
CA HIS B 376 -30.27 -3.17 -12.77
C HIS B 376 -30.50 -2.94 -11.29
N VAL B 377 -31.47 -2.08 -11.03
CA VAL B 377 -31.87 -1.75 -9.66
C VAL B 377 -32.79 -2.86 -9.18
N HIS B 378 -32.47 -3.41 -8.00
CA HIS B 378 -33.20 -4.55 -7.49
C HIS B 378 -32.81 -4.81 -6.03
N ASP B 379 -33.81 -4.87 -5.16
CA ASP B 379 -33.55 -5.28 -3.79
C ASP B 379 -33.94 -6.74 -3.61
N GLU B 380 -35.20 -7.01 -3.30
CA GLU B 380 -35.62 -8.37 -3.01
C GLU B 380 -37.13 -8.51 -3.19
N PHE B 381 -37.87 -7.40 -3.10
CA PHE B 381 -39.31 -7.45 -3.29
C PHE B 381 -39.79 -6.73 -4.54
N ARG B 382 -38.96 -5.88 -5.15
CA ARG B 382 -39.32 -5.17 -6.37
C ARG B 382 -38.10 -5.04 -7.27
N THR B 383 -38.36 -4.81 -8.56
CA THR B 383 -37.30 -4.61 -9.55
C THR B 383 -37.74 -3.56 -10.57
N ALA B 384 -36.77 -2.80 -11.06
CA ALA B 384 -37.05 -1.95 -12.20
C ALA B 384 -37.46 -2.83 -13.38
N ALA B 385 -38.31 -2.28 -14.25
CA ALA B 385 -38.91 -3.13 -15.28
C ALA B 385 -39.20 -2.29 -16.52
N VAL B 386 -39.21 -2.98 -17.66
CA VAL B 386 -39.70 -2.43 -18.92
C VAL B 386 -40.74 -3.44 -19.41
N GLU B 387 -41.99 -3.00 -19.52
CA GLU B 387 -43.09 -3.94 -19.69
C GLU B 387 -44.04 -3.46 -20.78
N GLY B 388 -44.53 -4.40 -21.58
CA GLY B 388 -45.53 -4.10 -22.58
C GLY B 388 -46.07 -5.38 -23.17
N PRO B 389 -46.97 -5.27 -24.17
CA PRO B 389 -47.51 -4.01 -24.66
C PRO B 389 -48.66 -3.55 -23.78
N PHE B 390 -48.99 -2.26 -23.82
CA PHE B 390 -50.20 -1.70 -23.25
C PHE B 390 -50.96 -0.99 -24.37
N VAL B 391 -52.26 -0.81 -24.19
CA VAL B 391 -53.06 -0.03 -25.15
C VAL B 391 -53.25 1.38 -24.63
N THR B 392 -52.99 2.39 -25.47
CA THR B 392 -53.21 3.79 -25.12
C THR B 392 -53.77 4.47 -26.35
N LEU B 393 -54.91 5.13 -26.21
CA LEU B 393 -55.51 5.83 -27.33
C LEU B 393 -54.96 7.24 -27.47
N ASP B 394 -55.07 7.78 -28.69
CA ASP B 394 -54.71 9.17 -29.00
C ASP B 394 -53.34 9.56 -28.50
N MET B 395 -52.35 8.69 -28.70
CA MET B 395 -51.03 8.98 -28.12
C MET B 395 -50.40 10.23 -28.74
N GLU B 396 -50.68 10.48 -30.01
CA GLU B 396 -50.09 11.65 -30.67
C GLU B 396 -50.57 12.94 -30.01
N ASP B 397 -51.79 12.95 -29.45
CA ASP B 397 -52.33 14.11 -28.74
C ASP B 397 -51.57 14.44 -27.46
N CYS B 398 -50.74 13.53 -26.95
CA CYS B 398 -50.01 13.87 -25.75
C CYS B 398 -48.83 14.79 -26.07
N GLY B 399 -48.43 14.88 -27.33
CA GLY B 399 -47.36 15.78 -27.71
C GLY B 399 -47.81 17.23 -27.63
N TYR B 400 -46.95 18.07 -27.08
CA TYR B 400 -47.25 19.49 -26.97
C TYR B 400 -46.83 20.23 -28.24
N ASN B 401 -47.67 21.17 -28.66
CA ASN B 401 -47.38 22.00 -29.84
C ASN B 401 -47.36 23.49 -29.49
N SER C 14 19.51 22.67 35.58
CA SER C 14 20.85 23.23 35.70
C SER C 14 21.81 22.49 34.76
N PHE C 15 21.25 21.62 33.92
CA PHE C 15 22.07 20.72 33.10
C PHE C 15 22.72 21.42 31.91
N VAL C 16 22.21 22.60 31.51
CA VAL C 16 22.81 23.30 30.37
C VAL C 16 24.30 23.55 30.61
N GLU C 17 24.70 23.70 31.88
CA GLU C 17 26.10 23.89 32.24
C GLU C 17 26.97 22.67 31.92
N MET C 18 26.37 21.49 31.78
CA MET C 18 27.14 20.29 31.51
C MET C 18 27.11 19.87 30.05
N VAL C 19 26.29 20.51 29.22
CA VAL C 19 26.28 20.17 27.80
C VAL C 19 27.67 20.44 27.22
N ASP C 20 28.14 19.55 26.38
CA ASP C 20 29.40 19.72 25.66
C ASP C 20 30.62 19.72 26.58
N ASN C 21 30.56 19.04 27.73
CA ASN C 21 31.69 19.01 28.64
C ASN C 21 32.67 17.86 28.35
N LEU C 22 32.46 17.12 27.25
CA LEU C 22 33.39 16.06 26.87
C LEU C 22 34.16 16.45 25.61
N ARG C 23 35.41 16.03 25.57
CA ARG C 23 36.27 16.16 24.41
C ARG C 23 37.00 14.85 24.19
N GLY C 24 37.62 14.72 23.03
CA GLY C 24 38.40 13.54 22.75
C GLY C 24 39.04 13.64 21.39
N LYS C 25 39.93 12.70 21.12
CA LYS C 25 40.38 12.39 19.77
C LYS C 25 39.78 11.06 19.36
N SER C 26 39.43 10.95 18.07
CA SER C 26 38.75 9.76 17.55
C SER C 26 39.53 8.49 17.89
N GLY C 27 38.84 7.51 18.47
CA GLY C 27 39.44 6.24 18.83
C GLY C 27 40.35 6.27 20.05
N GLN C 28 40.46 7.42 20.73
CA GLN C 28 41.34 7.56 21.88
C GLN C 28 40.58 7.86 23.18
N GLY C 29 39.26 7.80 23.16
CA GLY C 29 38.43 7.96 24.34
C GLY C 29 37.88 9.37 24.50
N TYR C 30 36.81 9.48 25.30
CA TYR C 30 36.21 10.75 25.65
C TYR C 30 36.60 11.13 27.07
N TYR C 31 36.96 12.39 27.29
CA TYR C 31 37.39 12.78 28.63
C TYR C 31 36.65 14.03 29.09
N VAL C 32 36.59 14.17 30.42
CA VAL C 32 35.95 15.28 31.10
C VAL C 32 37.01 15.94 31.97
N GLU C 33 36.90 17.26 32.13
CA GLU C 33 37.85 17.98 32.96
C GLU C 33 37.49 17.81 34.44
N MET C 34 38.50 17.54 35.27
CA MET C 34 38.28 17.42 36.71
C MET C 34 39.41 18.15 37.42
N THR C 35 39.20 18.48 38.70
CA THR C 35 40.28 18.97 39.55
C THR C 35 40.38 18.08 40.78
N VAL C 36 41.62 17.83 41.21
CA VAL C 36 41.86 17.04 42.41
C VAL C 36 42.83 17.82 43.30
N GLY C 37 42.64 17.71 44.62
CA GLY C 37 43.55 18.26 45.59
C GLY C 37 43.27 19.71 45.92
N SER C 38 43.97 20.19 46.95
CA SER C 38 43.89 21.56 47.44
C SER C 38 45.30 22.11 47.50
N PRO C 39 45.66 23.14 46.69
CA PRO C 39 44.81 23.82 45.70
C PRO C 39 44.48 22.91 44.51
N PRO C 40 43.38 23.21 43.81
CA PRO C 40 42.90 22.29 42.76
C PRO C 40 43.92 22.08 41.65
N GLN C 41 44.21 20.82 41.35
CA GLN C 41 45.01 20.45 40.18
C GLN C 41 44.10 19.96 39.07
N THR C 42 44.21 20.57 37.89
CA THR C 42 43.33 20.28 36.77
C THR C 42 43.87 19.12 35.94
N LEU C 43 42.99 18.15 35.64
CA LEU C 43 43.37 17.00 34.83
C LEU C 43 42.19 16.59 33.95
N ASN C 44 42.52 16.06 32.76
CA ASN C 44 41.54 15.48 31.85
C ASN C 44 41.40 13.98 32.14
N ILE C 45 40.17 13.52 32.31
CA ILE C 45 39.87 12.20 32.87
C ILE C 45 38.98 11.44 31.90
N LEU C 46 39.45 10.28 31.45
CA LEU C 46 38.69 9.44 30.54
C LEU C 46 37.43 8.91 31.22
N VAL C 47 36.29 8.99 30.53
CA VAL C 47 35.00 8.56 31.05
C VAL C 47 34.79 7.10 30.64
N ASP C 48 34.80 6.18 31.62
CA ASP C 48 34.79 4.73 31.34
C ASP C 48 33.66 4.04 32.10
N THR C 49 32.56 3.73 31.41
CA THR C 49 31.53 2.92 32.05
C THR C 49 31.88 1.43 32.11
N GLY C 50 33.05 1.02 31.61
CA GLY C 50 33.48 -0.37 31.68
C GLY C 50 34.40 -0.70 32.85
N SER C 51 34.58 0.21 33.80
CA SER C 51 35.40 -0.06 34.98
C SER C 51 34.91 0.83 36.12
N SER C 52 35.54 0.68 37.28
CA SER C 52 34.99 1.28 38.50
C SER C 52 36.04 1.96 39.37
N ASN C 53 37.26 2.12 38.90
CA ASN C 53 38.29 2.80 39.66
C ASN C 53 38.53 4.20 39.09
N PHE C 54 38.69 5.16 39.98
CA PHE C 54 39.14 6.51 39.67
C PHE C 54 40.65 6.56 39.90
N ALA C 55 41.40 6.87 38.85
CA ALA C 55 42.86 6.84 38.93
C ALA C 55 43.42 7.93 38.00
N VAL C 56 44.59 8.46 38.38
CA VAL C 56 45.24 9.52 37.60
C VAL C 56 46.73 9.26 37.55
N GLY C 57 47.34 9.57 36.42
CA GLY C 57 48.79 9.57 36.33
C GLY C 57 49.37 10.41 37.45
N ALA C 58 50.35 9.88 38.19
CA ALA C 58 50.88 10.59 39.33
C ALA C 58 52.41 10.60 39.34
N ALA C 59 53.02 10.34 38.19
CA ALA C 59 54.47 10.32 38.02
C ALA C 59 54.75 10.57 36.55
N PRO C 60 55.92 11.09 36.19
CA PRO C 60 56.18 11.40 34.79
C PRO C 60 56.02 10.20 33.88
N HIS C 61 55.60 10.47 32.65
CA HIS C 61 55.40 9.40 31.68
C HIS C 61 55.55 10.05 30.31
N PRO C 62 56.14 9.38 29.33
CA PRO C 62 56.34 10.02 28.02
C PRO C 62 55.08 10.57 27.39
N PHE C 63 53.92 9.98 27.69
CA PHE C 63 52.67 10.38 27.05
C PHE C 63 51.85 11.33 27.89
N LEU C 64 52.28 11.64 29.12
CA LEU C 64 51.55 12.52 30.01
C LEU C 64 52.12 13.94 29.92
N HIS C 65 51.25 14.91 29.68
CA HIS C 65 51.66 16.30 29.72
C HIS C 65 51.59 16.89 31.11
N ARG C 66 50.86 16.24 32.01
CA ARG C 66 50.78 16.66 33.40
C ARG C 66 50.35 15.45 34.22
N TYR C 67 50.49 15.57 35.53
CA TYR C 67 50.09 14.47 36.39
C TYR C 67 49.80 15.02 37.78
N TYR C 68 49.15 14.17 38.57
CA TYR C 68 48.78 14.49 39.94
C TYR C 68 50.01 14.52 40.82
N GLN C 69 50.18 15.59 41.58
CA GLN C 69 51.31 15.75 42.49
C GLN C 69 50.77 15.75 43.91
N ARG C 70 50.84 14.59 44.57
CA ARG C 70 50.25 14.44 45.90
C ARG C 70 50.91 15.37 46.91
N GLN C 71 52.21 15.61 46.75
CA GLN C 71 52.95 16.45 47.67
C GLN C 71 52.44 17.89 47.69
N LEU C 72 51.82 18.35 46.61
CA LEU C 72 51.33 19.72 46.52
C LEU C 72 49.89 19.89 46.99
N SER C 73 49.23 18.82 47.40
CA SER C 73 47.84 18.86 47.84
C SER C 73 47.77 18.73 49.35
N SER C 74 47.15 19.70 50.01
CA SER C 74 47.06 19.69 51.46
C SER C 74 45.98 18.76 51.98
N THR C 75 45.06 18.33 51.13
CA THR C 75 43.97 17.45 51.52
C THR C 75 44.21 15.99 51.16
N TYR C 76 45.33 15.67 50.50
CA TYR C 76 45.62 14.28 50.17
C TYR C 76 45.81 13.44 51.42
N ARG C 77 45.25 12.24 51.40
CA ARG C 77 45.50 11.24 52.44
C ARG C 77 45.96 9.95 51.80
N ASP C 78 47.04 9.37 52.32
CA ASP C 78 47.55 8.11 51.83
C ASP C 78 46.79 6.96 52.49
N LEU C 79 46.37 5.98 51.69
CA LEU C 79 45.74 4.80 52.24
C LEU C 79 46.73 3.67 52.49
N ARG C 80 47.99 3.86 52.09
CA ARG C 80 49.06 2.91 52.40
C ARG C 80 48.76 1.52 51.86
N LYS C 81 48.12 1.45 50.70
CA LYS C 81 47.88 0.19 50.00
C LYS C 81 48.04 0.40 48.50
N GLY C 82 48.66 -0.58 47.83
CA GLY C 82 48.78 -0.58 46.38
C GLY C 82 47.62 -1.27 45.69
N VAL C 83 47.56 -1.11 44.36
CA VAL C 83 46.49 -1.72 43.59
C VAL C 83 46.97 -1.92 42.17
N TYR C 84 46.48 -3.01 41.56
CA TYR C 84 46.72 -3.33 40.16
C TYR C 84 45.36 -3.36 39.49
N VAL C 85 45.25 -2.75 38.31
CA VAL C 85 44.01 -2.75 37.56
C VAL C 85 44.28 -3.14 36.11
N PRO C 86 43.76 -4.27 35.64
CA PRO C 86 43.89 -4.64 34.23
C PRO C 86 42.66 -4.24 33.43
N TYR C 87 42.85 -3.85 32.19
CA TYR C 87 41.74 -3.59 31.28
C TYR C 87 41.88 -4.53 30.10
N THR C 88 40.92 -4.49 29.18
CA THR C 88 41.08 -5.27 27.95
C THR C 88 42.33 -4.83 27.21
N GLN C 89 42.55 -3.52 27.12
CA GLN C 89 43.78 -2.94 26.60
C GLN C 89 44.44 -2.13 27.71
N GLY C 90 45.57 -2.60 28.22
CA GLY C 90 46.37 -1.82 29.13
C GLY C 90 46.14 -2.19 30.58
N LYS C 91 47.09 -1.77 31.42
CA LYS C 91 47.05 -2.05 32.85
C LYS C 91 47.94 -1.04 33.56
N TRP C 92 47.67 -0.84 34.85
CA TRP C 92 48.51 0.05 35.63
C TRP C 92 48.55 -0.41 37.08
N GLU C 93 49.54 0.11 37.81
CA GLU C 93 49.60 -0.03 39.26
C GLU C 93 49.74 1.36 39.86
N GLY C 94 49.24 1.49 41.09
CA GLY C 94 49.35 2.78 41.74
C GLY C 94 49.09 2.65 43.22
N GLU C 95 49.06 3.80 43.88
CA GLU C 95 48.94 3.90 45.33
C GLU C 95 47.57 4.45 45.67
N LEU C 96 46.87 3.77 46.57
CA LEU C 96 45.53 4.24 46.91
C LEU C 96 45.64 5.38 47.90
N GLY C 97 44.71 6.32 47.78
CA GLY C 97 44.56 7.44 48.68
C GLY C 97 43.22 8.08 48.48
N THR C 98 42.99 9.18 49.21
CA THR C 98 41.81 10.01 49.03
C THR C 98 42.20 11.48 48.91
N ASP C 99 41.33 12.25 48.28
CA ASP C 99 41.52 13.69 48.11
C ASP C 99 40.20 14.30 47.67
N LEU C 100 40.15 15.63 47.67
CA LEU C 100 38.96 16.35 47.26
C LEU C 100 38.93 16.47 45.74
N VAL C 101 37.74 16.33 45.17
CA VAL C 101 37.57 16.24 43.73
C VAL C 101 36.39 17.10 43.32
N SER C 102 36.55 17.83 42.22
CA SER C 102 35.48 18.63 41.65
C SER C 102 35.43 18.41 40.15
N ILE C 103 34.30 18.78 39.56
CA ILE C 103 34.07 18.71 38.12
C ILE C 103 33.67 20.10 37.64
N PRO C 104 34.61 20.87 37.08
CA PRO C 104 34.31 22.27 36.73
C PRO C 104 33.06 22.44 35.89
N HIS C 105 32.88 21.62 34.86
CA HIS C 105 31.65 21.65 34.06
C HIS C 105 30.74 20.47 34.44
N GLY C 106 30.54 20.30 35.74
CA GLY C 106 29.63 19.31 36.27
C GLY C 106 28.82 19.98 37.36
N PRO C 107 28.27 19.21 38.29
CA PRO C 107 27.61 19.83 39.44
C PRO C 107 28.63 20.61 40.27
N ASN C 108 28.16 21.67 40.91
CA ASN C 108 29.03 22.53 41.71
C ASN C 108 29.11 21.96 43.13
N VAL C 109 29.88 20.89 43.24
CA VAL C 109 30.08 20.19 44.50
C VAL C 109 31.55 19.80 44.59
N THR C 110 31.97 19.46 45.80
CA THR C 110 33.28 18.91 46.08
C THR C 110 33.09 17.65 46.92
N VAL C 111 33.72 16.55 46.51
CA VAL C 111 33.57 15.29 47.21
C VAL C 111 34.95 14.75 47.56
N ARG C 112 35.03 14.02 48.67
CA ARG C 112 36.23 13.26 49.01
C ARG C 112 36.07 11.87 48.42
N ALA C 113 36.96 11.51 47.50
CA ALA C 113 36.86 10.27 46.75
C ALA C 113 38.16 9.49 46.83
N ASN C 114 38.03 8.17 46.70
CA ASN C 114 39.20 7.32 46.48
C ASN C 114 39.87 7.68 45.17
N ILE C 115 41.20 7.75 45.20
CA ILE C 115 41.99 8.03 44.00
C ILE C 115 43.18 7.09 44.00
N ALA C 116 43.39 6.41 42.87
CA ALA C 116 44.61 5.63 42.69
C ALA C 116 45.64 6.52 41.99
N ALA C 117 46.79 6.70 42.63
CA ALA C 117 47.89 7.47 42.05
C ALA C 117 48.74 6.53 41.21
N ILE C 118 48.63 6.64 39.88
CA ILE C 118 49.27 5.68 38.98
C ILE C 118 50.77 5.96 38.93
N THR C 119 51.57 4.97 39.33
CA THR C 119 53.02 5.10 39.30
C THR C 119 53.70 4.23 38.24
N GLU C 120 53.02 3.21 37.74
CA GLU C 120 53.57 2.42 36.65
C GLU C 120 52.40 1.93 35.80
N SER C 121 52.66 1.74 34.51
CA SER C 121 51.59 1.39 33.59
C SER C 121 52.18 0.72 32.37
N ASP C 122 51.33 0.01 31.64
CA ASP C 122 51.75 -0.72 30.45
C ASP C 122 50.61 -0.63 29.43
N LYS C 123 50.86 0.06 28.31
CA LYS C 123 49.92 0.22 27.21
C LYS C 123 48.58 0.79 27.68
N PHE C 124 48.62 1.64 28.71
CA PHE C 124 47.42 2.31 29.22
C PHE C 124 47.29 3.71 28.67
N PHE C 125 48.25 4.58 28.99
CA PHE C 125 48.23 5.94 28.48
C PHE C 125 48.50 5.94 26.98
N ILE C 126 47.85 6.87 26.29
CA ILE C 126 47.84 6.93 24.83
C ILE C 126 48.52 8.22 24.40
N ASN C 127 49.49 8.09 23.50
CA ASN C 127 50.25 9.24 23.02
C ASN C 127 49.31 10.19 22.28
N GLY C 128 49.22 11.42 22.79
CA GLY C 128 48.42 12.47 22.18
C GLY C 128 46.94 12.45 22.52
N SER C 129 46.51 11.62 23.47
CA SER C 129 45.08 11.50 23.75
C SER C 129 44.54 12.71 24.48
N ASN C 130 45.40 13.40 25.23
CA ASN C 130 45.14 14.58 26.03
C ASN C 130 44.45 14.27 27.35
N TRP C 131 44.37 13.00 27.77
CA TRP C 131 43.86 12.70 29.10
C TRP C 131 44.94 12.03 29.93
N GLU C 132 44.81 12.20 31.25
CA GLU C 132 45.83 11.78 32.20
C GLU C 132 45.29 10.84 33.27
N GLY C 133 44.01 10.46 33.19
CA GLY C 133 43.42 9.63 34.23
C GLY C 133 42.13 9.02 33.73
N ILE C 134 41.50 8.25 34.59
CA ILE C 134 40.32 7.47 34.20
C ILE C 134 39.28 7.56 35.31
N LEU C 135 38.03 7.73 34.91
CA LEU C 135 36.89 7.76 35.82
C LEU C 135 36.05 6.51 35.55
N GLY C 136 36.22 5.50 36.40
CA GLY C 136 35.42 4.30 36.28
C GLY C 136 34.02 4.50 36.85
N LEU C 137 32.99 4.46 36.00
CA LEU C 137 31.63 4.77 36.42
C LEU C 137 30.78 3.54 36.72
N ALA C 138 31.33 2.33 36.58
CA ALA C 138 30.58 1.12 36.89
C ALA C 138 30.56 0.88 38.41
N TYR C 139 30.10 -0.29 38.84
CA TYR C 139 29.73 -0.50 40.23
C TYR C 139 30.89 -1.08 41.05
N ALA C 140 30.74 -1.00 42.38
CA ALA C 140 31.79 -1.42 43.30
C ALA C 140 32.16 -2.89 43.13
N GLU C 141 31.22 -3.71 42.65
CA GLU C 141 31.49 -5.14 42.53
C GLU C 141 32.73 -5.44 41.67
N ILE C 142 33.05 -4.60 40.71
CA ILE C 142 34.24 -4.83 39.89
C ILE C 142 35.35 -3.83 40.20
N ALA C 143 35.24 -3.08 41.29
CA ALA C 143 36.33 -2.20 41.70
C ALA C 143 37.52 -3.03 42.21
N ARG C 144 38.74 -2.50 41.99
CA ARG C 144 39.95 -3.12 42.54
C ARG C 144 40.46 -2.32 43.72
N PRO C 145 41.03 -2.96 44.76
CA PRO C 145 41.25 -4.42 44.89
C PRO C 145 40.00 -5.23 45.24
N ASP C 146 38.97 -4.61 45.79
CA ASP C 146 37.73 -5.33 46.09
C ASP C 146 36.58 -4.33 46.15
N ASP C 147 35.38 -4.83 46.43
CA ASP C 147 34.21 -3.97 46.36
C ASP C 147 34.09 -3.03 47.55
N SER C 148 35.03 -3.07 48.50
CA SER C 148 35.01 -2.09 49.57
C SER C 148 35.63 -0.76 49.15
N LEU C 149 36.30 -0.68 48.00
CA LEU C 149 36.83 0.61 47.53
C LEU C 149 35.71 1.32 46.80
N GLU C 150 35.08 2.26 47.49
CA GLU C 150 33.90 2.94 46.94
C GLU C 150 34.24 3.69 45.67
N PRO C 151 33.52 3.44 44.57
CA PRO C 151 33.75 4.19 43.32
C PRO C 151 33.32 5.65 43.43
N PHE C 152 33.85 6.46 42.50
CA PHE C 152 33.64 7.90 42.53
C PHE C 152 32.16 8.27 42.52
N PHE C 153 31.37 7.71 41.60
CA PHE C 153 29.98 8.14 41.49
C PHE C 153 29.20 7.77 42.75
N ASP C 154 29.52 6.64 43.38
CA ASP C 154 28.93 6.29 44.67
C ASP C 154 29.24 7.36 45.73
N SER C 155 30.51 7.78 45.82
CA SER C 155 30.87 8.84 46.75
C SER C 155 30.13 10.13 46.44
N LEU C 156 30.05 10.48 45.15
CA LEU C 156 29.34 11.68 44.73
C LEU C 156 27.89 11.68 45.22
N VAL C 157 27.19 10.56 45.00
CA VAL C 157 25.79 10.47 45.39
C VAL C 157 25.64 10.46 46.91
N LYS C 158 26.53 9.76 47.61
CA LYS C 158 26.45 9.69 49.07
C LYS C 158 26.69 11.05 49.72
N GLN C 159 27.66 11.82 49.23
CA GLN C 159 28.07 13.04 49.90
C GLN C 159 27.29 14.27 49.46
N THR C 160 26.55 14.21 48.35
CA THR C 160 25.83 15.37 47.86
C THR C 160 24.36 15.07 47.59
N HIS C 161 23.65 16.01 47.00
CA HIS C 161 22.27 15.81 46.60
C HIS C 161 22.11 15.43 45.13
N VAL C 162 23.22 15.14 44.43
CA VAL C 162 23.18 14.73 43.03
C VAL C 162 22.34 13.47 42.90
N PRO C 163 21.30 13.47 42.05
CA PRO C 163 20.52 12.24 41.84
C PRO C 163 21.38 11.12 41.25
N ASN C 164 20.97 9.88 41.55
CA ASN C 164 21.78 8.70 41.25
C ASN C 164 21.56 8.25 39.80
N LEU C 165 22.02 9.08 38.87
CA LEU C 165 22.02 8.72 37.47
C LEU C 165 22.87 9.71 36.68
N PHE C 166 23.35 9.25 35.54
CA PHE C 166 24.07 10.13 34.64
C PHE C 166 23.72 9.72 33.22
N SER C 167 23.95 10.61 32.28
CA SER C 167 23.70 10.28 30.87
C SER C 167 24.88 10.71 30.02
N LEU C 168 25.09 9.97 28.92
CA LEU C 168 26.21 10.20 28.01
C LEU C 168 25.70 10.40 26.60
N GLN C 169 26.10 11.51 26.00
CA GLN C 169 25.89 11.81 24.60
C GLN C 169 27.27 11.88 23.95
N LEU C 170 27.69 10.82 23.29
CA LEU C 170 29.00 10.78 22.63
C LEU C 170 28.77 11.11 21.15
N CYS C 171 29.48 12.12 20.66
CA CYS C 171 29.30 12.58 19.29
C CYS C 171 30.53 12.19 18.47
N GLY C 172 30.31 11.75 17.24
CA GLY C 172 31.39 11.28 16.39
C GLY C 172 32.20 12.43 15.83
N ALA C 173 32.75 12.21 14.64
CA ALA C 173 33.61 13.20 13.97
C ALA C 173 32.93 14.56 13.83
N SER C 185 38.90 16.60 18.25
CA SER C 185 38.13 16.27 17.06
C SER C 185 36.73 15.70 17.42
N VAL C 186 36.55 15.12 18.61
CA VAL C 186 35.23 14.69 19.01
C VAL C 186 34.84 15.39 20.32
N GLY C 187 33.54 15.37 20.58
CA GLY C 187 32.97 15.98 21.77
C GLY C 187 31.72 15.23 22.18
N GLY C 188 31.11 15.72 23.26
CA GLY C 188 29.89 15.12 23.75
C GLY C 188 29.54 15.71 25.09
N SER C 189 28.58 15.06 25.76
CA SER C 189 28.06 15.54 27.03
C SER C 189 27.98 14.40 28.03
N MET C 190 28.42 14.65 29.24
CA MET C 190 28.10 13.80 30.39
C MET C 190 27.25 14.63 31.33
N ILE C 191 25.95 14.34 31.37
CA ILE C 191 25.04 15.04 32.24
C ILE C 191 25.00 14.27 33.56
N ILE C 192 25.52 14.88 34.62
CA ILE C 192 25.64 14.23 35.92
C ILE C 192 24.42 14.59 36.75
N GLY C 193 23.64 13.58 37.13
CA GLY C 193 22.48 13.79 37.96
C GLY C 193 21.16 13.93 37.22
N GLY C 194 21.14 13.71 35.91
CA GLY C 194 19.86 13.81 35.23
C GLY C 194 19.95 13.65 33.74
N ILE C 195 18.89 14.10 33.09
CA ILE C 195 18.66 13.93 31.66
C ILE C 195 18.42 15.30 31.07
N ASP C 196 19.13 15.65 30.00
CA ASP C 196 18.95 16.92 29.31
C ASP C 196 18.16 16.66 28.03
N HIS C 197 16.90 17.13 28.00
CA HIS C 197 15.99 16.77 26.91
C HIS C 197 16.37 17.40 25.58
N SER C 198 17.20 18.44 25.59
CA SER C 198 17.63 19.01 24.33
C SER C 198 18.67 18.15 23.61
N LEU C 199 19.19 17.11 24.26
CA LEU C 199 20.24 16.29 23.67
C LEU C 199 19.71 15.10 22.89
N TYR C 200 18.40 14.89 22.82
CA TYR C 200 17.86 13.76 22.09
C TYR C 200 16.51 14.13 21.46
N THR C 201 16.09 13.31 20.50
CA THR C 201 14.77 13.41 19.89
C THR C 201 14.02 12.10 20.07
N GLY C 202 12.69 12.16 19.94
CA GLY C 202 11.90 10.94 20.08
C GLY C 202 11.87 10.44 21.53
N SER C 203 11.57 9.16 21.68
CA SER C 203 11.36 8.58 22.99
C SER C 203 12.61 7.90 23.52
N LEU C 204 12.76 7.91 24.85
CA LEU C 204 13.72 7.07 25.54
C LEU C 204 13.12 5.69 25.76
N TRP C 205 13.86 4.64 25.40
CA TRP C 205 13.45 3.26 25.63
C TRP C 205 14.41 2.63 26.64
N TYR C 206 13.87 1.93 27.65
CA TYR C 206 14.69 1.42 28.75
C TYR C 206 14.82 -0.09 28.74
N THR C 207 16.04 -0.57 29.06
CA THR C 207 16.36 -1.97 29.22
C THR C 207 16.93 -2.17 30.62
N PRO C 208 16.61 -3.28 31.29
CA PRO C 208 17.07 -3.48 32.67
C PRO C 208 18.58 -3.63 32.76
N ILE C 209 19.16 -3.09 33.83
CA ILE C 209 20.50 -3.48 34.21
C ILE C 209 20.35 -4.83 34.90
N ARG C 210 20.92 -5.87 34.30
CA ARG C 210 20.68 -7.22 34.79
C ARG C 210 21.31 -7.43 36.15
N ARG C 211 22.51 -6.90 36.34
CA ARG C 211 23.28 -7.04 37.57
C ARG C 211 24.19 -5.83 37.66
N GLU C 212 24.33 -5.30 38.87
CA GLU C 212 25.13 -4.11 39.12
C GLU C 212 26.58 -4.50 39.32
N TRP C 213 27.29 -4.64 38.20
CA TRP C 213 28.75 -4.81 38.27
C TRP C 213 29.35 -4.02 37.11
N TYR C 214 29.47 -4.61 35.93
CA TYR C 214 29.41 -3.82 34.71
C TYR C 214 27.99 -3.28 34.53
N TYR C 215 27.80 -2.42 33.52
CA TYR C 215 26.46 -2.07 33.07
C TYR C 215 26.03 -3.20 32.12
N GLU C 216 25.56 -4.28 32.72
CA GLU C 216 25.20 -5.48 31.97
C GLU C 216 23.76 -5.39 31.48
N VAL C 217 23.55 -5.71 30.20
CA VAL C 217 22.22 -5.72 29.61
C VAL C 217 22.03 -7.04 28.86
N ILE C 218 20.82 -7.24 28.32
CA ILE C 218 20.48 -8.47 27.61
C ILE C 218 20.05 -8.13 26.19
N ILE C 219 20.78 -8.67 25.20
CA ILE C 219 20.42 -8.59 23.80
C ILE C 219 19.53 -9.79 23.46
N VAL C 220 18.36 -9.53 22.87
CA VAL C 220 17.37 -10.59 22.64
C VAL C 220 17.23 -10.97 21.17
N ARG C 221 17.80 -10.21 20.24
CA ARG C 221 17.68 -10.46 18.81
C ARG C 221 18.70 -9.59 18.09
N VAL C 222 19.24 -10.11 16.99
CA VAL C 222 20.14 -9.36 16.11
C VAL C 222 19.67 -9.56 14.68
N GLU C 223 19.54 -8.44 13.95
CA GLU C 223 19.18 -8.45 12.55
C GLU C 223 20.22 -7.68 11.76
N ILE C 224 20.53 -8.15 10.56
CA ILE C 224 21.41 -7.44 9.65
C ILE C 224 20.63 -7.22 8.36
N ASN C 225 20.43 -5.95 8.01
CA ASN C 225 19.54 -5.57 6.91
C ASN C 225 18.18 -6.27 7.01
N GLY C 226 17.64 -6.35 8.23
CA GLY C 226 16.31 -6.89 8.40
C GLY C 226 16.23 -8.40 8.48
N GLN C 227 17.35 -9.10 8.42
CA GLN C 227 17.37 -10.57 8.42
C GLN C 227 17.87 -11.01 9.78
N ASP C 228 17.08 -11.84 10.46
CA ASP C 228 17.47 -12.34 11.76
C ASP C 228 18.70 -13.23 11.63
N LEU C 229 19.66 -13.06 12.54
CA LEU C 229 20.83 -13.93 12.55
C LEU C 229 20.47 -15.36 12.95
N LYS C 230 19.31 -15.56 13.54
CA LYS C 230 18.78 -16.90 13.85
C LYS C 230 19.73 -17.70 14.73
N MET C 231 20.38 -17.04 15.67
CA MET C 231 21.16 -17.73 16.68
C MET C 231 20.38 -17.81 17.98
N ASP C 232 20.68 -18.83 18.79
CA ASP C 232 20.25 -18.89 20.17
C ASP C 232 20.66 -17.59 20.87
N CYS C 233 19.69 -16.88 21.46
CA CYS C 233 20.00 -15.56 21.97
C CYS C 233 20.97 -15.60 23.13
N LYS C 234 21.14 -16.75 23.78
CA LYS C 234 22.21 -16.90 24.77
C LYS C 234 23.59 -16.61 24.16
N GLU C 235 23.77 -16.92 22.88
CA GLU C 235 25.04 -16.66 22.22
C GLU C 235 25.37 -15.18 22.20
N TYR C 236 24.34 -14.33 22.07
CA TYR C 236 24.55 -12.87 22.02
C TYR C 236 25.08 -12.33 23.34
N ASN C 237 24.81 -13.01 24.45
CA ASN C 237 25.16 -12.55 25.78
C ASN C 237 26.13 -13.49 26.48
N TYR C 238 26.92 -14.23 25.71
CA TYR C 238 27.89 -15.19 26.24
C TYR C 238 29.24 -14.49 26.32
N ASP C 239 29.74 -14.22 27.54
CA ASP C 239 29.14 -14.61 28.83
C ASP C 239 28.47 -13.44 29.55
N LYS C 240 28.53 -12.26 28.94
CA LYS C 240 27.79 -11.07 29.37
C LYS C 240 27.72 -10.12 28.18
N SER C 241 26.82 -9.14 28.29
CA SER C 241 26.80 -8.02 27.34
C SER C 241 26.84 -6.75 28.16
N ILE C 242 27.70 -5.80 27.78
CA ILE C 242 27.89 -4.60 28.58
C ILE C 242 27.93 -3.37 27.70
N VAL C 243 27.69 -2.21 28.32
CA VAL C 243 27.81 -0.90 27.67
C VAL C 243 29.08 -0.24 28.20
N ASP C 244 30.01 0.08 27.29
CA ASP C 244 31.37 0.47 27.69
C ASP C 244 31.84 1.69 26.89
N SER C 245 31.73 2.87 27.49
CA SER C 245 32.20 4.08 26.84
C SER C 245 33.71 4.10 26.65
N GLY C 246 34.46 3.24 27.34
CA GLY C 246 35.90 3.22 27.22
C GLY C 246 36.47 2.24 26.21
N THR C 247 35.62 1.56 25.45
CA THR C 247 36.01 0.69 24.35
C THR C 247 35.50 1.32 23.07
N THR C 248 36.33 1.30 22.02
CA THR C 248 35.92 1.90 20.74
C THR C 248 34.88 1.04 20.03
N ASN C 249 35.16 -0.27 19.88
CA ASN C 249 34.45 -1.12 18.92
C ASN C 249 33.15 -1.68 19.50
N LEU C 250 32.29 -2.14 18.58
CA LEU C 250 31.31 -3.19 18.90
C LEU C 250 32.05 -4.50 18.92
N ARG C 251 32.12 -5.14 20.09
CA ARG C 251 32.79 -6.41 20.22
C ARG C 251 31.74 -7.49 20.39
N LEU C 252 31.89 -8.58 19.64
CA LEU C 252 30.89 -9.64 19.61
C LEU C 252 31.54 -10.98 19.94
N PRO C 253 30.83 -11.85 20.67
CA PRO C 253 31.37 -13.19 20.92
C PRO C 253 31.68 -13.89 19.60
N LYS C 254 32.69 -14.77 19.66
CA LYS C 254 33.26 -15.37 18.45
C LYS C 254 32.20 -15.85 17.46
N LYS C 255 31.29 -16.70 17.92
CA LYS C 255 30.30 -17.26 17.01
C LYS C 255 29.41 -16.18 16.41
N VAL C 256 29.05 -15.17 17.20
CA VAL C 256 28.22 -14.09 16.69
C VAL C 256 29.00 -13.23 15.72
N PHE C 257 30.27 -12.95 16.05
CA PHE C 257 31.14 -12.20 15.15
C PHE C 257 31.23 -12.89 13.79
N GLU C 258 31.41 -14.21 13.79
CA GLU C 258 31.55 -14.92 12.52
C GLU C 258 30.27 -14.83 11.69
N ALA C 259 29.11 -15.01 12.34
CA ALA C 259 27.85 -14.87 11.60
C ALA C 259 27.67 -13.46 11.06
N ALA C 260 27.98 -12.46 11.87
CA ALA C 260 27.81 -11.07 11.46
C ALA C 260 28.73 -10.71 10.30
N VAL C 261 30.01 -11.08 10.41
CA VAL C 261 30.96 -10.79 9.32
C VAL C 261 30.53 -11.48 8.03
N LYS C 262 30.10 -12.74 8.13
CA LYS C 262 29.62 -13.46 6.95
C LYS C 262 28.51 -12.69 6.24
N SER C 263 27.55 -12.17 7.03
CA SER C 263 26.42 -11.46 6.45
C SER C 263 26.84 -10.11 5.89
N ILE C 264 27.76 -9.42 6.58
CA ILE C 264 28.22 -8.12 6.10
C ILE C 264 29.09 -8.27 4.85
N LYS C 265 29.95 -9.29 4.81
CA LYS C 265 30.72 -9.56 3.60
C LYS C 265 29.81 -9.80 2.40
N ALA C 266 28.78 -10.63 2.59
CA ALA C 266 27.85 -10.95 1.51
C ALA C 266 27.13 -9.71 1.01
N ALA C 267 26.72 -8.84 1.93
CA ALA C 267 25.96 -7.66 1.51
C ALA C 267 26.84 -6.70 0.73
N SER C 268 28.14 -6.68 1.01
CA SER C 268 29.07 -5.76 0.38
C SER C 268 29.93 -6.45 -0.67
N SER C 269 29.53 -7.65 -1.12
CA SER C 269 30.36 -8.42 -2.04
C SER C 269 30.52 -7.77 -3.40
N THR C 270 29.79 -6.69 -3.69
CA THR C 270 30.07 -5.89 -4.88
C THR C 270 31.55 -5.52 -4.95
N GLU C 271 32.10 -5.01 -3.86
CA GLU C 271 33.51 -4.69 -3.78
C GLU C 271 34.21 -5.73 -2.93
N LYS C 272 35.51 -5.88 -3.13
CA LYS C 272 36.28 -6.84 -2.37
C LYS C 272 37.31 -6.11 -1.53
N PHE C 273 37.58 -6.67 -0.36
CA PHE C 273 38.40 -6.01 0.64
C PHE C 273 39.50 -6.97 1.10
N PRO C 274 40.68 -6.44 1.44
CA PRO C 274 41.72 -7.30 2.01
C PRO C 274 41.17 -8.09 3.18
N ASP C 275 41.65 -9.33 3.32
CA ASP C 275 41.14 -10.19 4.38
C ASP C 275 41.49 -9.63 5.76
N GLY C 276 42.57 -8.85 5.86
CA GLY C 276 42.89 -8.19 7.11
C GLY C 276 42.00 -7.00 7.44
N PHE C 277 41.22 -6.50 6.48
CA PHE C 277 40.28 -5.43 6.77
C PHE C 277 39.23 -5.90 7.77
N TRP C 278 38.67 -7.09 7.55
CA TRP C 278 37.63 -7.63 8.41
C TRP C 278 38.16 -7.97 9.80
N LEU C 279 39.47 -8.02 9.98
CA LEU C 279 40.06 -8.24 11.29
C LEU C 279 40.52 -6.94 11.95
N GLY C 280 40.29 -5.80 11.31
CA GLY C 280 40.67 -4.53 11.89
C GLY C 280 42.13 -4.16 11.69
N GLU C 281 42.88 -4.90 10.89
CA GLU C 281 44.30 -4.65 10.69
C GLU C 281 44.55 -3.66 9.55
N GLN C 282 43.98 -3.91 8.38
CA GLN C 282 44.14 -3.06 7.20
C GLN C 282 42.97 -2.10 7.08
N LEU C 283 43.27 -0.85 6.73
CA LEU C 283 42.19 0.08 6.42
C LEU C 283 41.79 -0.05 4.95
N VAL C 284 40.67 0.55 4.61
CA VAL C 284 40.16 0.60 3.24
C VAL C 284 39.89 2.05 2.90
N CYS C 285 40.15 2.44 1.66
CA CYS C 285 40.02 3.83 1.25
C CYS C 285 39.22 3.93 -0.05
N TRP C 286 38.58 5.09 -0.21
CA TRP C 286 37.87 5.45 -1.43
C TRP C 286 38.16 6.92 -1.72
N GLN C 287 38.04 7.29 -3.00
CA GLN C 287 38.17 8.69 -3.39
C GLN C 287 37.19 9.55 -2.59
N ALA C 288 37.71 10.60 -1.95
CA ALA C 288 36.95 11.46 -1.05
C ALA C 288 35.57 11.77 -1.60
N GLY C 289 34.54 11.46 -0.81
CA GLY C 289 33.16 11.68 -1.20
C GLY C 289 32.53 10.59 -2.03
N THR C 290 33.18 9.42 -2.17
CA THR C 290 32.63 8.32 -2.95
C THR C 290 32.50 7.02 -2.16
N THR C 291 32.59 7.08 -0.82
CA THR C 291 32.42 5.88 -0.02
C THR C 291 31.07 5.22 -0.35
N PRO C 292 31.04 3.92 -0.67
CA PRO C 292 29.80 3.22 -1.06
C PRO C 292 28.98 2.76 0.14
N TRP C 293 28.51 3.72 0.93
CA TRP C 293 27.77 3.41 2.15
C TRP C 293 26.64 2.41 1.91
N ASN C 294 25.94 2.54 0.77
CA ASN C 294 24.74 1.77 0.51
C ASN C 294 24.98 0.27 0.42
N ILE C 295 26.21 -0.18 0.17
CA ILE C 295 26.45 -1.62 0.10
C ILE C 295 26.73 -2.23 1.46
N PHE C 296 26.87 -1.40 2.51
CA PHE C 296 27.04 -1.96 3.84
C PHE C 296 25.72 -1.93 4.61
N PRO C 297 25.41 -3.01 5.32
CA PRO C 297 24.07 -3.14 5.94
C PRO C 297 23.93 -2.38 7.25
N VAL C 298 22.68 -2.18 7.63
CA VAL C 298 22.39 -1.70 8.98
C VAL C 298 22.37 -2.91 9.91
N ILE C 299 22.77 -2.68 11.15
CA ILE C 299 22.75 -3.71 12.18
C ILE C 299 21.75 -3.26 13.25
N SER C 300 20.81 -4.13 13.58
CA SER C 300 19.83 -3.86 14.62
C SER C 300 20.11 -4.77 15.81
N LEU C 301 20.38 -4.16 16.96
CA LEU C 301 20.51 -4.87 18.22
C LEU C 301 19.23 -4.64 19.01
N TYR C 302 18.53 -5.73 19.33
CA TYR C 302 17.33 -5.64 20.15
C TYR C 302 17.69 -5.83 21.61
N LEU C 303 17.26 -4.89 22.45
CA LEU C 303 17.50 -4.95 23.87
C LEU C 303 16.19 -5.31 24.57
N MET C 304 16.30 -6.17 25.58
CA MET C 304 15.13 -6.61 26.34
C MET C 304 14.45 -5.42 27.01
N GLY C 305 13.13 -5.38 26.95
CA GLY C 305 12.50 -4.25 27.60
C GLY C 305 12.29 -4.52 29.06
N GLU C 306 11.91 -3.48 29.80
CA GLU C 306 11.64 -3.73 31.20
C GLU C 306 10.40 -4.59 31.33
N VAL C 307 9.51 -4.51 30.34
CA VAL C 307 8.46 -5.50 30.10
C VAL C 307 8.77 -6.02 28.71
N THR C 308 8.66 -7.34 28.52
CA THR C 308 9.24 -7.90 27.29
C THR C 308 8.35 -7.71 26.05
N ASN C 309 7.17 -7.12 26.16
CA ASN C 309 6.52 -6.66 24.94
C ASN C 309 6.74 -5.17 24.73
N GLN C 310 7.72 -4.60 25.44
CA GLN C 310 8.18 -3.24 25.23
C GLN C 310 9.69 -3.24 25.01
N SER C 311 10.20 -4.31 24.42
CA SER C 311 11.59 -4.32 24.03
C SER C 311 11.78 -3.35 22.86
N PHE C 312 13.03 -3.12 22.48
CA PHE C 312 13.27 -2.16 21.41
C PHE C 312 14.53 -2.52 20.65
N ARG C 313 14.74 -1.86 19.52
CA ARG C 313 15.96 -2.06 18.77
C ARG C 313 16.66 -0.72 18.61
N ILE C 314 17.99 -0.78 18.60
CA ILE C 314 18.82 0.33 18.18
C ILE C 314 19.47 -0.09 16.86
N THR C 315 19.43 0.80 15.88
CA THR C 315 19.89 0.47 14.54
C THR C 315 21.17 1.23 14.25
N ILE C 316 22.20 0.49 13.82
CA ILE C 316 23.55 1.00 13.66
C ILE C 316 23.83 1.11 12.17
N LEU C 317 24.33 2.29 11.74
CA LEU C 317 24.68 2.47 10.33
C LEU C 317 26.15 2.16 10.10
N PRO C 318 26.52 1.84 8.85
CA PRO C 318 27.95 1.67 8.54
C PRO C 318 28.81 2.87 8.85
N GLN C 319 28.24 4.09 8.82
CA GLN C 319 29.01 5.25 9.23
C GLN C 319 29.45 5.17 10.69
N GLN C 320 28.80 4.30 11.49
CA GLN C 320 29.27 4.05 12.84
C GLN C 320 30.30 2.93 12.90
N TYR C 321 30.11 1.81 12.21
CA TYR C 321 31.04 0.71 12.37
C TYR C 321 32.15 0.68 11.31
N LEU C 322 32.17 1.63 10.38
CA LEU C 322 33.35 1.88 9.54
C LEU C 322 34.01 3.14 10.08
N ARG C 323 35.06 2.97 10.89
CA ARG C 323 35.59 4.10 11.65
C ARG C 323 36.61 4.85 10.81
N PRO C 324 36.47 6.17 10.67
CA PRO C 324 37.40 6.92 9.82
C PRO C 324 38.75 7.10 10.50
N VAL C 325 39.82 6.98 9.71
CA VAL C 325 41.17 7.13 10.21
C VAL C 325 42.00 8.03 9.28
N SER C 331 48.06 10.92 0.00
CA SER C 331 46.71 11.11 -0.52
C SER C 331 45.73 11.54 0.56
N GLN C 332 44.71 12.29 0.16
CA GLN C 332 43.63 12.63 1.08
C GLN C 332 42.32 12.03 0.58
N ASP C 333 42.29 10.69 0.53
CA ASP C 333 41.08 9.91 0.39
C ASP C 333 40.36 9.78 1.73
N ASP C 334 39.22 9.09 1.71
CA ASP C 334 38.52 8.72 2.93
C ASP C 334 38.88 7.27 3.23
N CYS C 335 39.47 7.04 4.39
CA CYS C 335 39.93 5.72 4.81
C CYS C 335 39.23 5.31 6.10
N TYR C 336 39.00 4.00 6.26
CA TYR C 336 38.20 3.49 7.37
C TYR C 336 38.76 2.18 7.93
N LYS C 337 38.64 2.00 9.24
CA LYS C 337 38.86 0.71 9.90
C LYS C 337 37.52 0.05 10.20
N PHE C 338 37.47 -1.27 10.06
CA PHE C 338 36.30 -2.05 10.47
C PHE C 338 36.28 -2.11 11.99
N ALA C 339 35.25 -1.52 12.60
CA ALA C 339 35.19 -1.37 14.06
C ALA C 339 34.22 -2.35 14.71
N ILE C 340 34.05 -3.53 14.14
CA ILE C 340 33.40 -4.67 14.77
C ILE C 340 34.46 -5.73 14.95
N SER C 341 34.63 -6.23 16.17
CA SER C 341 35.73 -7.16 16.39
C SER C 341 35.27 -8.28 17.32
N GLN C 342 36.11 -9.30 17.41
CA GLN C 342 35.77 -10.50 18.15
C GLN C 342 36.10 -10.34 19.62
N SER C 343 35.30 -10.96 20.47
CA SER C 343 35.53 -10.94 21.91
C SER C 343 35.40 -12.35 22.45
N SER C 344 36.17 -12.63 23.51
CA SER C 344 36.00 -13.85 24.28
C SER C 344 35.47 -13.56 25.67
N THR C 345 35.08 -12.32 25.95
CA THR C 345 34.52 -11.94 27.23
C THR C 345 33.13 -11.34 27.08
N GLY C 346 32.43 -11.68 25.99
CA GLY C 346 31.06 -11.24 25.78
C GLY C 346 30.95 -10.06 24.82
N THR C 347 29.70 -9.63 24.62
CA THR C 347 29.43 -8.46 23.79
C THR C 347 29.83 -7.19 24.52
N VAL C 348 30.46 -6.27 23.79
CA VAL C 348 30.76 -4.94 24.32
C VAL C 348 30.16 -3.92 23.37
N MET C 349 29.20 -3.15 23.86
CA MET C 349 28.67 -2.03 23.09
C MET C 349 29.54 -0.82 23.38
N GLY C 350 30.56 -0.63 22.54
CA GLY C 350 31.52 0.44 22.72
C GLY C 350 31.08 1.75 22.10
N ALA C 351 32.06 2.64 21.94
CA ALA C 351 31.77 4.02 21.55
C ALA C 351 31.06 4.09 20.20
N VAL C 352 31.41 3.20 19.26
CA VAL C 352 30.75 3.29 17.96
C VAL C 352 29.28 2.87 18.05
N ILE C 353 28.89 2.12 19.08
CA ILE C 353 27.48 1.90 19.30
C ILE C 353 26.86 3.12 19.99
N MET C 354 27.53 3.66 21.01
CA MET C 354 26.95 4.76 21.79
C MET C 354 26.86 6.04 20.98
N GLU C 355 27.80 6.29 20.07
CA GLU C 355 27.78 7.52 19.30
C GLU C 355 26.48 7.60 18.51
N GLY C 356 25.86 8.78 18.49
CA GLY C 356 24.58 8.88 17.81
C GLY C 356 23.38 8.51 18.68
N PHE C 357 23.60 7.97 19.87
CA PHE C 357 22.52 7.73 20.80
C PHE C 357 22.77 8.53 22.08
N TYR C 358 21.69 8.91 22.73
CA TYR C 358 21.73 9.47 24.08
C TYR C 358 21.48 8.31 25.04
N VAL C 359 22.43 8.04 25.93
CA VAL C 359 22.37 6.83 26.76
C VAL C 359 22.25 7.25 28.21
N VAL C 360 21.18 6.82 28.87
CA VAL C 360 20.89 7.21 30.23
C VAL C 360 21.24 6.05 31.15
N PHE C 361 22.20 6.28 32.05
CA PHE C 361 22.59 5.26 33.03
C PHE C 361 21.79 5.55 34.29
N ASP C 362 20.58 5.00 34.33
CA ASP C 362 19.61 5.26 35.38
C ASP C 362 19.85 4.25 36.51
N ARG C 363 20.89 4.53 37.29
CA ARG C 363 21.29 3.63 38.37
C ARG C 363 20.19 3.51 39.41
N ALA C 364 19.49 4.62 39.68
CA ALA C 364 18.43 4.62 40.68
C ALA C 364 17.35 3.61 40.35
N ARG C 365 17.00 3.47 39.06
CA ARG C 365 15.97 2.51 38.68
C ARG C 365 16.54 1.27 38.01
N LYS C 366 17.87 1.04 38.12
CA LYS C 366 18.53 -0.16 37.60
C LYS C 366 18.15 -0.43 36.13
N ARG C 367 18.35 0.58 35.29
CA ARG C 367 17.96 0.45 33.89
C ARG C 367 18.80 1.41 33.05
N ILE C 368 18.91 1.11 31.76
CA ILE C 368 19.62 1.98 30.82
C ILE C 368 18.65 2.41 29.73
N GLY C 369 18.60 3.71 29.46
CA GLY C 369 17.72 4.27 28.43
C GLY C 369 18.51 4.61 27.18
N PHE C 370 17.87 4.43 26.02
CA PHE C 370 18.43 4.80 24.73
C PHE C 370 17.45 5.68 23.98
N ALA C 371 17.97 6.76 23.38
CA ALA C 371 17.21 7.63 22.49
C ALA C 371 18.13 8.08 21.36
N VAL C 372 17.52 8.46 20.22
CA VAL C 372 18.31 9.04 19.14
C VAL C 372 18.92 10.35 19.61
N SER C 373 20.21 10.52 19.36
CA SER C 373 20.94 11.70 19.80
C SER C 373 20.70 12.88 18.87
N ALA C 374 20.78 14.09 19.44
CA ALA C 374 20.82 15.29 18.62
C ALA C 374 22.00 15.27 17.65
N CYS C 375 23.10 14.59 18.00
CA CYS C 375 24.24 14.49 17.10
C CYS C 375 24.28 13.13 16.38
N HIS C 376 23.22 12.84 15.63
CA HIS C 376 23.15 11.58 14.88
C HIS C 376 23.88 11.72 13.54
N VAL C 377 24.13 10.58 12.91
CA VAL C 377 24.82 10.55 11.61
C VAL C 377 23.84 10.92 10.50
N HIS C 378 24.25 11.82 9.61
CA HIS C 378 23.37 12.32 8.57
C HIS C 378 23.59 11.48 7.31
N ASP C 379 22.80 10.44 7.15
CA ASP C 379 22.76 9.68 5.90
C ASP C 379 21.49 10.05 5.14
N GLU C 380 21.56 10.02 3.83
CA GLU C 380 20.45 10.55 3.04
C GLU C 380 19.34 9.54 2.79
N PHE C 381 19.63 8.23 2.83
CA PHE C 381 18.59 7.25 2.61
C PHE C 381 18.29 6.37 3.82
N ARG C 382 19.10 6.43 4.88
CA ARG C 382 18.88 5.61 6.07
C ARG C 382 19.18 6.47 7.29
N THR C 383 18.65 6.06 8.44
CA THR C 383 18.90 6.80 9.69
C THR C 383 19.08 5.82 10.85
N ALA C 384 20.01 6.15 11.74
CA ALA C 384 20.07 5.42 13.00
C ALA C 384 18.78 5.64 13.78
N ALA C 385 18.38 4.63 14.55
CA ALA C 385 17.06 4.67 15.13
C ALA C 385 17.05 3.92 16.45
N VAL C 386 16.11 4.33 17.31
CA VAL C 386 15.69 3.60 18.50
C VAL C 386 14.19 3.40 18.35
N GLU C 387 13.77 2.15 18.21
CA GLU C 387 12.40 1.87 17.78
C GLU C 387 11.76 0.79 18.63
N GLY C 388 10.49 0.98 18.95
CA GLY C 388 9.72 0.00 19.65
C GLY C 388 8.25 0.34 19.56
N PRO C 389 7.39 -0.46 20.18
CA PRO C 389 7.73 -1.66 20.94
C PRO C 389 7.96 -2.91 20.10
N PHE C 390 8.74 -3.85 20.62
CA PHE C 390 8.86 -5.20 20.10
C PHE C 390 8.55 -6.18 21.23
N VAL C 391 7.97 -7.32 20.87
CA VAL C 391 7.81 -8.42 21.81
C VAL C 391 8.93 -9.42 21.56
N THR C 392 9.63 -9.81 22.61
CA THR C 392 10.81 -10.64 22.42
C THR C 392 10.90 -11.69 23.51
N LEU C 393 12.00 -12.46 23.45
CA LEU C 393 12.36 -13.40 24.50
C LEU C 393 12.82 -12.62 25.73
N ASP C 394 12.88 -13.31 26.86
CA ASP C 394 13.16 -12.67 28.13
C ASP C 394 14.53 -13.06 28.70
N MET C 395 14.76 -12.65 29.95
CA MET C 395 16.09 -12.84 30.53
C MET C 395 16.41 -14.30 30.76
N GLU C 396 15.41 -15.11 31.09
CA GLU C 396 15.67 -16.54 31.26
C GLU C 396 16.05 -17.20 29.94
N ASP C 397 15.46 -16.73 28.84
CA ASP C 397 15.77 -17.31 27.52
C ASP C 397 17.15 -16.87 27.02
N CYS C 398 17.57 -15.64 27.31
CA CYS C 398 18.76 -15.09 26.67
C CYS C 398 19.93 -14.82 27.61
N GLY C 399 19.69 -14.77 28.92
CA GLY C 399 20.78 -14.52 29.84
C GLY C 399 21.68 -15.72 30.01
N TYR C 400 22.99 -15.48 30.04
CA TYR C 400 23.94 -16.54 30.29
C TYR C 400 24.12 -16.70 31.79
N ASN C 401 24.24 -17.96 32.24
CA ASN C 401 24.47 -18.30 33.64
C ASN C 401 25.75 -19.09 33.86
C1 GOL D . -12.30 -7.78 -10.60
O1 GOL D . -11.32 -8.77 -10.50
C2 GOL D . -13.51 -8.43 -11.35
O2 GOL D . -14.23 -7.49 -12.08
C3 GOL D . -14.38 -9.05 -10.23
O3 GOL D . -15.70 -9.08 -10.71
C2 E7A E . -7.52 -9.16 -11.32
C5 E7A E . -7.53 -10.60 -11.83
O7 E7A E . -6.74 -11.45 -10.98
C15 E7A E . -3.00 -9.69 -14.44
C18 E7A E . -1.18 -8.11 -14.44
C13 E7A E . -5.36 -8.99 -14.09
C14 E7A E . -3.90 -8.65 -14.20
C17 E7A E . -1.64 -9.41 -14.54
C20 E7A E . -2.08 -7.06 -14.23
C21 E7A E . -3.44 -7.34 -14.10
C23 E7A E . -1.55 -5.67 -14.07
C26 E7A E . -2.36 -5.08 -16.34
C30 E7A E . -1.21 -3.41 -14.93
C35 E7A E . -1.24 -11.77 -14.74
C38 E7A E . -1.33 -12.27 -16.20
C41 E7A E . -1.71 -13.75 -16.32
C44 E7A E . -3.20 -14.05 -16.09
C47 E7A E . -4.15 -13.21 -16.93
C50 E7A E . -5.55 -13.76 -17.02
C53 E7A E . -6.35 -13.58 -15.75
C56 E7A E . -6.53 -12.14 -15.31
C58 E7A E . -7.16 -12.05 -13.90
C61 E7A E . -7.36 -11.37 -16.32
C9 E7A E . -7.05 -10.65 -13.29
N11 E7A E . -5.66 -10.14 -13.45
N25 E7A E . -1.72 -4.78 -15.08
O1 E7A E . -8.65 -8.41 -11.93
O24 E7A E . -0.99 -5.36 -13.04
O34 E7A E . -0.74 -10.42 -14.75
O65 E7A E . -6.22 -8.24 -14.54
C1 GOL F . -28.99 22.65 -23.52
O1 GOL F . -28.71 21.40 -22.97
C2 GOL F . -27.87 22.95 -24.56
O2 GOL F . -27.54 24.29 -24.60
C3 GOL F . -28.44 22.52 -25.91
O3 GOL F . -27.87 23.40 -26.84
C2 E7A G . -28.75 19.82 -20.15
C5 E7A G . -27.35 19.21 -20.22
O7 E7A G . -27.42 17.77 -20.17
C15 E7A G . -27.19 18.89 -14.89
C18 E7A G . -28.70 19.00 -13.01
C13 E7A G . -27.49 20.37 -16.89
C14 E7A G . -27.92 19.89 -15.54
C17 E7A G . -27.59 18.45 -13.64
C20 E7A G . -29.42 20.01 -13.64
C21 E7A G . -29.04 20.44 -14.90
C23 E7A G . -30.64 20.58 -12.97
C26 E7A G . -29.28 22.47 -12.11
C30 E7A G . -31.69 22.30 -11.60
C35 E7A G . -25.82 16.82 -13.64
C38 E7A G . -24.52 17.41 -13.13
C41 E7A G . -23.30 16.76 -13.76
C44 E7A G . -23.04 17.19 -15.21
C47 E7A G . -22.78 18.69 -15.37
C50 E7A G . -22.05 19.06 -16.65
C53 E7A G . -22.87 18.84 -17.91
C56 E7A G . -24.16 19.63 -17.98
C58 E7A G . -25.02 19.29 -19.21
C61 E7A G . -23.88 21.13 -17.90
C9 E7A G . -26.47 19.76 -19.09
N11 E7A G . -26.99 19.43 -17.74
N25 E7A G . -30.53 21.73 -12.27
O1 E7A G . -28.66 21.28 -20.43
O24 E7A G . -31.70 19.99 -13.06
O34 E7A G . -26.91 17.47 -12.97
O65 E7A G . -27.59 21.55 -17.20
C1 GOL H . 38.16 -4.40 33.46
O1 GOL H . 36.97 -4.99 33.04
C2 GOL H . 37.86 -3.51 34.69
O2 GOL H . 39.00 -2.93 35.18
C3 GOL H . 37.23 -4.45 35.76
O3 GOL H . 38.00 -4.28 36.92
C2 E7A I . 37.47 -2.03 29.26
C5 E7A I . 37.74 -0.56 29.56
O7 E7A I . 36.67 0.26 29.08
C15 E7A I . 39.80 -0.04 24.65
C18 E7A I . 39.77 -1.31 22.59
C13 E7A I . 39.94 -1.18 26.88
C14 E7A I . 39.87 -1.22 25.39
C17 E7A I . 39.74 -0.09 23.26
C20 E7A I . 39.87 -2.50 23.31
C21 E7A I . 39.91 -2.45 24.71
C23 E7A I . 39.86 -3.80 22.57
C26 E7A I . 42.29 -4.10 23.00
C30 E7A I . 41.02 -5.78 21.74
C35 E7A I . 39.48 2.33 23.14
C38 E7A I . 40.84 3.01 23.23
C41 E7A I . 40.75 4.41 23.85
C44 E7A I . 40.65 4.44 25.37
C47 E7A I . 41.59 3.49 26.08
C50 E7A I . 41.86 3.83 27.53
C53 E7A I . 40.82 3.31 28.48
C56 E7A I . 40.69 1.80 28.51
C58 E7A I . 39.47 1.31 29.32
C61 E7A I . 41.98 1.15 29.03
C9 E7A I . 39.10 -0.13 28.96
N11 E7A I . 39.13 -0.30 27.50
N25 E7A I . 41.01 -4.50 22.46
O1 E7A I . 38.32 -2.91 30.14
O24 E7A I . 38.81 -4.21 22.09
O34 E7A I . 39.64 1.04 22.48
O65 E7A I . 40.69 -1.93 27.50
#